data_7NPW
#
_entry.id   7NPW
#
_cell.length_a   1.00
_cell.length_b   1.00
_cell.length_c   1.00
_cell.angle_alpha   90.00
_cell.angle_beta   90.00
_cell.angle_gamma   90.00
#
_symmetry.space_group_name_H-M   'P 1'
#
_entity_poly.entity_id   1
_entity_poly.type   'polypeptide(L)'
_entity_poly.pdbx_seq_one_letter_code
;AKKKVQNITKEDVKSYLFRNAFVLLTVTAVIVGTILGFTLRPYRMSYREVKYFSFPGELLMRMLQMLVLPLIISSLVTGM
AALDSKASGKMGMRAVVYYMTTTIIAVVIGIIIVIIIHPGKGTKENMHREGKIVRVTAADAFLDLIRNMFPPNLVEACFK
QFKTNYEKRSFKVPIQANETLVGAVINNVSEAMETLTRITEELVPVPGSVNGVNALGLVVFSMCFGFVIGNMKEQGQALR
EFFDSLNEAIMRLVAVIMWYAPVGILFLIAGKIVEMEDMGVIGGQLAMYTVTVIVGLLIHAVIVLPLLYFLVTRKNPWVF
IGGLLQALITALGTSSSSATLPITFKCLEENNGVDKRVTRFVLPVGATINMDGTALYEALAAIFIAQVNNFELNFGQIIT
ISITATAASIGAAGIPQAGLVTMVIVLTSVGLPTDDITLIIAVDWFLDRLRTTTNVLGDSLGAGIVEHL
;
_entity_poly.pdbx_strand_id   A,B,C
#
# COMPACT_ATOMS: atom_id res chain seq x y z
N ALA A 1 37.73 18.33 43.78
CA ALA A 1 37.03 17.96 42.56
C ALA A 1 37.96 18.02 41.36
N LYS A 2 38.70 19.12 41.23
CA LYS A 2 39.63 19.28 40.12
C LYS A 2 40.81 18.34 40.23
N LYS A 3 41.14 17.85 41.43
CA LYS A 3 42.22 16.88 41.56
C LYS A 3 41.82 15.51 41.02
N LYS A 4 40.55 15.13 41.17
CA LYS A 4 40.09 13.84 40.68
C LYS A 4 40.19 13.75 39.16
N VAL A 5 39.79 14.83 38.46
CA VAL A 5 39.90 14.82 37.01
C VAL A 5 41.36 14.90 36.58
N GLN A 6 42.22 15.48 37.43
CA GLN A 6 43.65 15.49 37.14
C GLN A 6 44.29 14.12 37.34
N ASN A 7 43.68 13.26 38.17
CA ASN A 7 44.18 11.91 38.34
C ASN A 7 43.56 10.94 37.34
N ILE A 8 42.37 11.24 36.81
CA ILE A 8 41.71 10.38 35.84
C ILE A 8 42.02 10.80 34.41
N THR A 9 42.87 11.80 34.20
CA THR A 9 43.20 12.33 32.89
C THR A 9 44.09 11.40 32.06
N LYS A 10 44.32 10.16 32.49
CA LYS A 10 45.15 9.24 31.73
C LYS A 10 44.53 8.98 30.36
N GLU A 11 45.39 8.58 29.41
CA GLU A 11 44.98 8.46 28.03
C GLU A 11 44.11 7.22 27.80
N ASP A 12 42.92 7.21 28.40
CA ASP A 12 41.90 6.20 28.16
C ASP A 12 40.59 6.93 27.91
N VAL A 13 40.37 7.35 26.67
CA VAL A 13 39.18 8.12 26.31
C VAL A 13 38.56 7.51 25.06
N LYS A 14 39.26 6.55 24.44
CA LYS A 14 38.78 5.96 23.20
C LYS A 14 37.45 5.23 23.41
N SER A 15 37.31 4.53 24.55
CA SER A 15 36.04 3.87 24.84
C SER A 15 34.91 4.89 25.03
N TYR A 16 35.18 5.96 25.78
CA TYR A 16 34.19 7.01 25.95
C TYR A 16 33.89 7.71 24.63
N LEU A 17 34.92 7.93 23.81
CA LEU A 17 34.72 8.55 22.51
C LEU A 17 33.83 7.68 21.62
N PHE A 18 34.06 6.37 21.62
CA PHE A 18 33.25 5.48 20.79
C PHE A 18 31.82 5.37 21.32
N ARG A 19 31.66 5.36 22.65
CA ARG A 19 30.32 5.23 23.22
C ARG A 19 29.45 6.44 22.92
N ASN A 20 30.03 7.64 22.92
CA ASN A 20 29.32 8.88 22.67
C ASN A 20 29.81 9.54 21.39
N ALA A 21 30.00 8.74 20.34
CA ALA A 21 30.56 9.26 19.10
C ALA A 21 29.55 10.13 18.35
N PHE A 22 28.26 9.75 18.39
CA PHE A 22 27.27 10.40 17.55
C PHE A 22 27.13 11.89 17.90
N VAL A 23 27.05 12.21 19.18
CA VAL A 23 26.86 13.60 19.59
C VAL A 23 28.06 14.46 19.21
N LEU A 24 29.28 13.94 19.46
CA LEU A 24 30.47 14.70 19.12
C LEU A 24 30.58 14.90 17.61
N LEU A 25 30.30 13.85 16.83
CA LEU A 25 30.36 13.97 15.38
C LEU A 25 29.34 14.98 14.85
N THR A 26 28.12 14.95 15.37
CA THR A 26 27.11 15.88 14.86
C THR A 26 27.41 17.31 15.29
N VAL A 27 27.96 17.50 16.50
CA VAL A 27 28.34 18.84 16.94
C VAL A 27 29.47 19.38 16.06
N THR A 28 30.48 18.54 15.79
CA THR A 28 31.57 18.95 14.91
C THR A 28 31.07 19.26 13.52
N ALA A 29 30.13 18.45 13.01
CA ALA A 29 29.57 18.70 11.69
C ALA A 29 28.83 20.04 11.64
N VAL A 30 28.04 20.35 12.67
CA VAL A 30 27.33 21.62 12.71
C VAL A 30 28.31 22.78 12.76
N ILE A 31 29.35 22.66 13.60
CA ILE A 31 30.32 23.75 13.73
C ILE A 31 31.05 23.99 12.41
N VAL A 32 31.51 22.91 11.78
CA VAL A 32 32.25 23.05 10.53
C VAL A 32 31.34 23.57 9.42
N GLY A 33 30.07 23.15 9.42
CA GLY A 33 29.14 23.67 8.43
C GLY A 33 28.89 25.16 8.59
N THR A 34 28.73 25.61 9.84
CA THR A 34 28.56 27.04 10.07
C THR A 34 29.80 27.81 9.63
N ILE A 35 30.99 27.29 9.95
CA ILE A 35 32.22 27.96 9.57
C ILE A 35 32.35 28.04 8.05
N LEU A 36 32.05 26.94 7.37
CA LEU A 36 32.16 26.92 5.90
C LEU A 36 31.13 27.85 5.27
N GLY A 37 29.90 27.88 5.79
CA GLY A 37 28.92 28.79 5.26
C GLY A 37 29.30 30.25 5.46
N PHE A 38 29.87 30.57 6.62
CA PHE A 38 30.30 31.94 6.88
C PHE A 38 31.46 32.33 5.97
N THR A 39 32.42 31.43 5.77
CA THR A 39 33.58 31.76 4.96
C THR A 39 33.30 31.70 3.45
N LEU A 40 32.24 31.02 3.04
CA LEU A 40 31.88 30.95 1.63
C LEU A 40 30.92 32.05 1.20
N ARG A 41 30.44 32.86 2.14
CA ARG A 41 29.51 33.95 1.80
C ARG A 41 30.11 34.96 0.83
N PRO A 42 31.34 35.48 1.04
CA PRO A 42 31.87 36.46 0.08
C PRO A 42 32.00 35.93 -1.34
N TYR A 43 32.27 34.63 -1.52
CA TYR A 43 32.42 34.05 -2.84
C TYR A 43 31.04 33.93 -3.48
N ARG A 44 30.70 34.88 -4.35
CA ARG A 44 29.42 34.83 -5.05
C ARG A 44 29.40 33.69 -6.04
N MET A 45 28.30 32.93 -6.04
CA MET A 45 28.21 31.70 -6.81
C MET A 45 26.74 31.38 -7.07
N SER A 46 26.50 30.70 -8.18
CA SER A 46 25.18 30.67 -8.80
C SER A 46 24.22 29.73 -8.07
N TYR A 47 22.94 29.84 -8.45
CA TYR A 47 21.89 29.02 -7.86
C TYR A 47 22.06 27.55 -8.22
N ARG A 48 22.40 27.25 -9.48
CA ARG A 48 22.67 25.87 -9.85
C ARG A 48 23.83 25.32 -9.04
N GLU A 49 24.85 26.14 -8.82
CA GLU A 49 25.99 25.72 -8.00
C GLU A 49 25.57 25.46 -6.56
N VAL A 50 24.69 26.30 -6.01
CA VAL A 50 24.31 26.12 -4.61
C VAL A 50 23.44 24.87 -4.46
N LYS A 51 22.59 24.58 -5.46
CA LYS A 51 21.86 23.31 -5.42
C LYS A 51 22.80 22.12 -5.54
N TYR A 52 23.81 22.21 -6.41
CA TYR A 52 24.78 21.14 -6.52
C TYR A 52 25.50 20.91 -5.19
N PHE A 53 25.88 22.00 -4.52
CA PHE A 53 26.61 21.90 -3.27
C PHE A 53 25.73 21.37 -2.14
N SER A 54 24.47 21.79 -2.10
CA SER A 54 23.58 21.47 -0.99
C SER A 54 22.71 20.24 -1.24
N PHE A 55 22.91 19.54 -2.36
CA PHE A 55 22.16 18.30 -2.61
C PHE A 55 22.15 17.29 -1.46
N PRO A 56 23.28 16.96 -0.82
CA PRO A 56 23.20 15.96 0.27
C PRO A 56 22.28 16.34 1.41
N GLY A 57 22.09 17.65 1.68
CA GLY A 57 21.17 18.05 2.72
C GLY A 57 19.74 17.64 2.42
N GLU A 58 19.24 17.99 1.24
CA GLU A 58 17.90 17.55 0.87
C GLU A 58 17.85 16.06 0.56
N LEU A 59 18.99 15.43 0.29
CA LEU A 59 19.03 13.97 0.16
C LEU A 59 18.73 13.33 1.51
N LEU A 60 19.37 13.84 2.57
CA LEU A 60 19.05 13.40 3.92
C LEU A 60 17.60 13.69 4.27
N MET A 61 17.12 14.87 3.84
CA MET A 61 15.70 15.19 4.06
C MET A 61 14.80 14.16 3.37
N ARG A 62 15.15 13.78 2.15
CA ARG A 62 14.37 12.79 1.42
C ARG A 62 14.38 11.44 2.12
N MET A 63 15.54 11.01 2.63
CA MET A 63 15.60 9.74 3.35
C MET A 63 14.76 9.78 4.62
N LEU A 64 14.81 10.89 5.35
CA LEU A 64 13.98 11.00 6.55
C LEU A 64 12.49 11.04 6.21
N GLN A 65 12.10 11.69 5.12
CA GLN A 65 10.68 11.69 4.77
C GLN A 65 10.25 10.41 4.08
N MET A 66 11.21 9.57 3.68
CA MET A 66 10.91 8.16 3.46
C MET A 66 10.57 7.47 4.78
N LEU A 67 11.44 7.65 5.77
CA LEU A 67 11.31 6.94 7.03
C LEU A 67 10.14 7.43 7.88
N VAL A 68 9.56 8.58 7.55
CA VAL A 68 8.56 9.19 8.42
C VAL A 68 7.36 8.26 8.62
N LEU A 69 6.81 7.71 7.54
CA LEU A 69 5.51 7.03 7.62
C LEU A 69 5.63 5.63 8.25
N PRO A 70 6.43 4.71 7.70
CA PRO A 70 6.48 3.36 8.29
C PRO A 70 6.93 3.37 9.72
N LEU A 71 7.88 4.26 10.07
CA LEU A 71 8.37 4.32 11.44
C LEU A 71 7.24 4.60 12.41
N ILE A 72 6.49 5.69 12.18
CA ILE A 72 5.45 6.06 13.13
C ILE A 72 4.33 5.02 13.13
N ILE A 73 3.90 4.56 11.96
CA ILE A 73 2.76 3.65 11.92
C ILE A 73 3.09 2.33 12.62
N SER A 74 4.26 1.76 12.32
CA SER A 74 4.60 0.46 12.90
C SER A 74 4.93 0.58 14.38
N SER A 75 5.66 1.65 14.77
CA SER A 75 5.97 1.83 16.18
C SER A 75 4.70 2.01 17.01
N LEU A 76 3.76 2.82 16.51
CA LEU A 76 2.53 3.04 17.25
C LEU A 76 1.66 1.78 17.29
N VAL A 77 1.65 1.02 16.19
CA VAL A 77 0.90 -0.25 16.20
C VAL A 77 1.47 -1.19 17.24
N THR A 78 2.80 -1.31 17.30
CA THR A 78 3.43 -2.17 18.29
C THR A 78 3.14 -1.69 19.71
N GLY A 79 3.23 -0.37 19.93
CA GLY A 79 2.96 0.16 21.25
C GLY A 79 1.53 -0.07 21.71
N MET A 80 0.56 0.15 20.80
CA MET A 80 -0.84 -0.09 21.13
C MET A 80 -1.10 -1.56 21.39
N ALA A 81 -0.47 -2.45 20.61
CA ALA A 81 -0.63 -3.88 20.84
C ALA A 81 -0.07 -4.30 22.20
N ALA A 82 1.09 -3.75 22.56
CA ALA A 82 1.70 -4.08 23.84
C ALA A 82 1.00 -3.42 25.03
N LEU A 83 0.26 -2.33 24.80
CA LEU A 83 -0.38 -1.63 25.90
C LEU A 83 -1.45 -2.50 26.56
N ASP A 84 -2.27 -3.18 25.77
CA ASP A 84 -3.35 -3.98 26.33
C ASP A 84 -2.81 -5.16 27.13
N SER A 85 -1.75 -5.80 26.63
CA SER A 85 -1.20 -6.98 27.31
C SER A 85 -0.61 -6.59 28.66
N LYS A 86 0.22 -5.55 28.70
CA LYS A 86 0.86 -5.17 29.95
C LYS A 86 -0.12 -4.48 30.89
N ALA A 87 -0.96 -3.58 30.36
CA ALA A 87 -1.95 -2.87 31.17
C ALA A 87 -3.31 -3.55 30.96
N SER A 88 -3.53 -4.61 31.73
CA SER A 88 -4.74 -5.40 31.63
C SER A 88 -5.84 -4.95 32.59
N GLY A 89 -5.59 -3.92 33.40
CA GLY A 89 -6.58 -3.49 34.38
C GLY A 89 -7.02 -2.05 34.21
N LYS A 90 -7.83 -1.57 35.16
CA LYS A 90 -8.33 -0.19 35.13
C LYS A 90 -7.24 0.82 35.44
N MET A 91 -6.22 0.43 36.20
CA MET A 91 -5.15 1.37 36.53
C MET A 91 -4.34 1.75 35.30
N GLY A 92 -4.21 0.86 34.32
CA GLY A 92 -3.56 1.22 33.08
C GLY A 92 -4.33 2.27 32.31
N MET A 93 -5.66 2.13 32.25
CA MET A 93 -6.49 3.14 31.62
C MET A 93 -6.40 4.46 32.38
N ARG A 94 -6.36 4.40 33.71
CA ARG A 94 -6.18 5.61 34.50
C ARG A 94 -4.85 6.29 34.16
N ALA A 95 -3.79 5.50 34.04
CA ALA A 95 -2.48 6.06 33.73
C ALA A 95 -2.44 6.69 32.34
N VAL A 96 -3.04 6.02 31.34
CA VAL A 96 -3.01 6.59 29.99
C VAL A 96 -3.88 7.84 29.91
N VAL A 97 -5.00 7.88 30.64
CA VAL A 97 -5.82 9.09 30.69
C VAL A 97 -5.05 10.21 31.36
N TYR A 98 -4.34 9.90 32.44
CA TYR A 98 -3.50 10.88 33.12
C TYR A 98 -2.43 11.45 32.18
N TYR A 99 -1.77 10.59 31.42
CA TYR A 99 -0.73 11.06 30.51
C TYR A 99 -1.33 11.88 29.37
N MET A 100 -2.50 11.48 28.88
CA MET A 100 -3.17 12.25 27.84
C MET A 100 -3.54 13.65 28.34
N THR A 101 -4.10 13.74 29.54
CA THR A 101 -4.47 15.06 30.04
C THR A 101 -3.23 15.90 30.36
N THR A 102 -2.14 15.28 30.81
CA THR A 102 -0.92 16.05 31.03
C THR A 102 -0.36 16.60 29.72
N THR A 103 -0.39 15.79 28.65
CA THR A 103 0.13 16.30 27.39
C THR A 103 -0.80 17.34 26.78
N ILE A 104 -2.11 17.25 27.03
CA ILE A 104 -3.02 18.32 26.63
C ILE A 104 -2.69 19.61 27.37
N ILE A 105 -2.44 19.51 28.67
CA ILE A 105 -2.04 20.70 29.44
C ILE A 105 -0.75 21.28 28.88
N ALA A 106 0.20 20.42 28.55
CA ALA A 106 1.47 20.89 27.99
C ALA A 106 1.27 21.63 26.68
N VAL A 107 0.47 21.05 25.76
CA VAL A 107 0.30 21.68 24.47
C VAL A 107 -0.48 22.98 24.58
N VAL A 108 -1.48 23.03 25.47
CA VAL A 108 -2.25 24.27 25.60
C VAL A 108 -1.41 25.36 26.25
N ILE A 109 -0.59 25.01 27.25
CA ILE A 109 0.25 26.04 27.85
C ILE A 109 1.29 26.53 26.85
N GLY A 110 1.81 25.62 26.00
CA GLY A 110 2.75 26.05 24.99
C GLY A 110 2.13 26.98 23.96
N ILE A 111 0.90 26.67 23.53
CA ILE A 111 0.26 27.52 22.54
C ILE A 111 -0.10 28.87 23.15
N ILE A 112 -0.48 28.91 24.43
CA ILE A 112 -0.72 30.19 25.09
C ILE A 112 0.58 30.99 25.16
N ILE A 113 1.70 30.33 25.48
CA ILE A 113 2.98 31.04 25.53
C ILE A 113 3.32 31.64 24.17
N VAL A 114 3.21 30.84 23.11
CA VAL A 114 3.60 31.35 21.80
C VAL A 114 2.65 32.44 21.32
N ILE A 115 1.38 32.39 21.76
CA ILE A 115 0.46 33.47 21.42
C ILE A 115 0.82 34.75 22.16
N ILE A 116 1.13 34.64 23.44
CA ILE A 116 1.28 35.85 24.26
C ILE A 116 2.64 36.51 24.03
N ILE A 117 3.71 35.73 23.84
CA ILE A 117 5.04 36.33 23.73
C ILE A 117 5.46 36.62 22.29
N HIS A 118 4.85 35.95 21.30
CA HIS A 118 5.15 36.15 19.90
C HIS A 118 6.65 35.99 19.63
N PRO A 119 7.18 34.76 19.67
CA PRO A 119 8.64 34.60 19.46
C PRO A 119 9.11 35.12 18.11
N GLY A 120 8.30 35.01 17.07
CA GLY A 120 8.69 35.53 15.78
C GLY A 120 8.65 37.04 15.72
N LYS A 121 9.45 37.60 14.81
CA LYS A 121 9.52 39.04 14.64
C LYS A 121 9.08 39.44 13.24
N ARG A 135 -14.38 33.14 12.50
CA ARG A 135 -15.39 32.23 11.99
C ARG A 135 -15.26 32.06 10.48
N VAL A 136 -14.58 33.01 9.84
CA VAL A 136 -14.37 32.93 8.39
C VAL A 136 -13.45 31.79 8.04
N THR A 137 -12.44 31.54 8.88
CA THR A 137 -11.49 30.45 8.62
C THR A 137 -11.35 29.57 9.85
N ALA A 138 -11.50 30.15 11.04
CA ALA A 138 -11.34 29.38 12.27
C ALA A 138 -12.34 28.24 12.36
N ALA A 139 -13.63 28.54 12.14
CA ALA A 139 -14.63 27.49 12.11
C ALA A 139 -14.36 26.51 10.97
N ASP A 140 -13.97 27.04 9.81
CA ASP A 140 -13.63 26.17 8.69
C ASP A 140 -12.41 25.32 9.00
N ALA A 141 -11.41 25.89 9.69
CA ALA A 141 -10.23 25.12 10.04
C ALA A 141 -10.57 23.98 11.00
N PHE A 142 -11.38 24.27 12.01
CA PHE A 142 -11.79 23.21 12.94
C PHE A 142 -12.62 22.15 12.22
N LEU A 143 -13.51 22.58 11.33
CA LEU A 143 -14.33 21.65 10.56
C LEU A 143 -13.45 20.74 9.71
N ASP A 144 -12.43 21.31 9.05
CA ASP A 144 -11.54 20.53 8.23
C ASP A 144 -10.67 19.59 9.05
N LEU A 145 -10.29 19.99 10.27
CA LEU A 145 -9.59 19.06 11.15
C LEU A 145 -10.49 17.88 11.54
N ILE A 146 -11.75 18.17 11.89
CA ILE A 146 -12.65 17.09 12.27
C ILE A 146 -12.86 16.14 11.09
N ARG A 147 -12.96 16.69 9.88
CA ARG A 147 -13.04 15.84 8.70
C ARG A 147 -11.75 15.08 8.45
N ASN A 148 -10.61 15.67 8.83
CA ASN A 148 -9.29 15.13 8.52
C ASN A 148 -8.96 13.89 9.35
N MET A 149 -9.70 13.64 10.44
CA MET A 149 -9.48 12.42 11.20
C MET A 149 -9.76 11.18 10.35
N PHE A 150 -10.58 11.32 9.32
CA PHE A 150 -10.91 10.22 8.42
C PHE A 150 -10.73 10.65 6.98
N PRO A 151 -9.52 10.52 6.45
CA PRO A 151 -9.29 10.73 5.01
C PRO A 151 -9.98 9.65 4.20
N PRO A 152 -10.04 9.77 2.86
CA PRO A 152 -10.65 8.70 2.06
C PRO A 152 -10.14 7.31 2.42
N ASN A 153 -8.83 7.12 2.42
CA ASN A 153 -8.23 5.85 2.82
C ASN A 153 -6.74 6.06 3.02
N LEU A 154 -6.01 4.98 3.27
CA LEU A 154 -4.59 5.07 3.56
C LEU A 154 -3.81 5.62 2.37
N VAL A 155 -4.15 5.19 1.15
CA VAL A 155 -3.40 5.61 -0.02
C VAL A 155 -3.53 7.11 -0.23
N GLU A 156 -4.76 7.65 -0.14
CA GLU A 156 -4.93 9.09 -0.28
C GLU A 156 -4.29 9.83 0.88
N ALA A 157 -4.41 9.30 2.10
CA ALA A 157 -3.78 9.94 3.26
C ALA A 157 -2.26 9.97 3.14
N CYS A 158 -1.67 9.08 2.35
CA CYS A 158 -0.22 9.06 2.21
C CYS A 158 0.30 10.34 1.56
N PHE A 159 -0.39 10.84 0.53
CA PHE A 159 0.17 11.92 -0.27
C PHE A 159 -0.67 13.18 -0.41
N LYS A 160 -1.90 13.21 0.12
CA LYS A 160 -2.69 14.43 0.05
C LYS A 160 -3.73 14.46 1.16
N GLN A 161 -4.00 15.66 1.68
CA GLN A 161 -4.96 15.86 2.75
C GLN A 161 -6.30 16.30 2.15
N PHE A 162 -7.20 16.79 3.00
CA PHE A 162 -8.43 17.43 2.58
C PHE A 162 -8.40 18.88 3.02
N LYS A 163 -8.79 19.78 2.10
CA LYS A 163 -8.85 21.20 2.41
C LYS A 163 -10.06 21.81 1.73
N THR A 164 -10.85 22.56 2.49
CA THR A 164 -12.03 23.20 1.94
C THR A 164 -11.66 24.41 1.09
N ASN A 165 -12.47 24.66 0.08
CA ASN A 165 -12.25 25.79 -0.82
C ASN A 165 -13.52 26.63 -0.93
N TYR A 166 -13.52 27.59 -1.86
CA TYR A 166 -14.69 28.44 -2.08
C TYR A 166 -14.84 28.65 -3.58
N GLU A 167 -15.88 28.05 -4.16
CA GLU A 167 -16.10 28.08 -5.60
C GLU A 167 -16.91 29.29 -6.07
N LYS A 168 -17.49 30.05 -5.15
CA LYS A 168 -18.10 31.36 -5.40
C LYS A 168 -19.32 31.33 -6.32
N ARG A 169 -19.80 30.15 -6.73
CA ARG A 169 -20.94 30.06 -7.64
C ARG A 169 -21.97 29.08 -7.05
N SER A 170 -22.83 29.60 -6.18
CA SER A 170 -23.88 28.80 -5.56
C SER A 170 -25.16 29.62 -5.52
N PHE A 171 -26.29 28.93 -5.67
CA PHE A 171 -27.61 29.56 -5.64
C PHE A 171 -27.72 30.69 -6.67
N ILE A 199 -27.51 38.24 -6.91
CA ILE A 199 -28.44 37.82 -5.87
C ILE A 199 -27.86 36.65 -5.07
N THR A 200 -26.59 36.33 -5.35
CA THR A 200 -25.91 35.23 -4.67
C THR A 200 -24.44 35.60 -4.54
N GLU A 201 -24.08 36.15 -3.38
CA GLU A 201 -22.70 36.53 -3.05
C GLU A 201 -22.43 36.07 -1.63
N GLU A 202 -21.79 34.92 -1.48
CA GLU A 202 -21.55 34.35 -0.17
C GLU A 202 -20.26 33.54 -0.19
N LEU A 203 -19.73 33.29 1.00
CA LEU A 203 -18.51 32.48 1.17
C LEU A 203 -18.90 31.00 1.26
N VAL A 204 -19.34 30.48 0.12
CA VAL A 204 -19.84 29.10 0.06
C VAL A 204 -18.66 28.13 0.08
N PRO A 205 -18.63 27.16 0.98
CA PRO A 205 -17.56 26.16 0.96
C PRO A 205 -17.75 25.15 -0.17
N VAL A 206 -16.65 24.49 -0.52
CA VAL A 206 -16.66 23.44 -1.53
C VAL A 206 -15.51 22.48 -1.23
N PRO A 207 -15.72 21.17 -1.33
CA PRO A 207 -14.64 20.22 -1.04
C PRO A 207 -13.47 20.37 -1.99
N GLY A 208 -12.27 20.08 -1.47
CA GLY A 208 -11.05 20.15 -2.26
C GLY A 208 -9.97 19.30 -1.61
N SER A 209 -8.84 19.20 -2.32
CA SER A 209 -7.72 18.38 -1.87
C SER A 209 -6.43 19.16 -1.98
N VAL A 210 -5.52 18.92 -1.04
CA VAL A 210 -4.20 19.56 -1.00
C VAL A 210 -3.15 18.49 -0.76
N ASN A 211 -2.08 18.50 -1.55
CA ASN A 211 -1.04 17.50 -1.45
C ASN A 211 -0.23 17.68 -0.17
N GLY A 212 0.41 16.59 0.26
CA GLY A 212 1.25 16.60 1.44
C GLY A 212 1.39 15.23 2.07
N VAL A 213 1.35 15.16 3.40
CA VAL A 213 1.31 13.91 4.14
C VAL A 213 0.26 14.06 5.23
N ASN A 214 -0.71 13.15 5.26
CA ASN A 214 -1.82 13.23 6.22
C ASN A 214 -1.57 12.24 7.34
N ALA A 215 -0.81 12.70 8.35
CA ALA A 215 -0.49 11.84 9.48
C ALA A 215 -1.66 11.68 10.44
N LEU A 216 -2.46 12.74 10.62
CA LEU A 216 -3.48 12.74 11.66
C LEU A 216 -4.50 11.62 11.45
N GLY A 217 -5.07 11.54 10.25
CA GLY A 217 -5.95 10.43 9.95
C GLY A 217 -5.22 9.10 10.00
N LEU A 218 -4.01 9.05 9.45
CA LEU A 218 -3.22 7.83 9.51
C LEU A 218 -2.91 7.45 10.95
N VAL A 219 -2.54 8.43 11.79
CA VAL A 219 -2.15 8.10 13.15
C VAL A 219 -3.36 7.64 13.97
N VAL A 220 -4.53 8.26 13.75
CA VAL A 220 -5.71 7.83 14.50
C VAL A 220 -6.17 6.45 14.04
N PHE A 221 -6.10 6.18 12.73
CA PHE A 221 -6.41 4.84 12.25
C PHE A 221 -5.45 3.80 12.82
N SER A 222 -4.16 4.16 12.91
CA SER A 222 -3.18 3.26 13.50
C SER A 222 -3.49 3.01 14.97
N MET A 223 -3.88 4.06 15.71
CA MET A 223 -4.24 3.88 17.11
C MET A 223 -5.42 2.93 17.26
N CYS A 224 -6.47 3.14 16.45
CA CYS A 224 -7.64 2.28 16.55
C CYS A 224 -7.31 0.84 16.18
N PHE A 225 -6.55 0.64 15.10
CA PHE A 225 -6.18 -0.71 14.68
C PHE A 225 -5.31 -1.39 15.74
N GLY A 226 -4.38 -0.64 16.34
CA GLY A 226 -3.56 -1.21 17.39
C GLY A 226 -4.37 -1.61 18.61
N PHE A 227 -5.34 -0.77 19.00
CA PHE A 227 -6.23 -1.14 20.09
C PHE A 227 -6.99 -2.42 19.77
N VAL A 228 -7.52 -2.52 18.55
CA VAL A 228 -8.29 -3.70 18.16
C VAL A 228 -7.41 -4.95 18.21
N ILE A 229 -6.21 -4.86 17.65
CA ILE A 229 -5.36 -6.05 17.61
C ILE A 229 -4.85 -6.40 19.01
N GLY A 230 -4.65 -5.41 19.87
CA GLY A 230 -4.27 -5.69 21.25
C GLY A 230 -5.40 -6.25 22.09
N ASN A 231 -6.65 -6.03 21.68
CA ASN A 231 -7.76 -6.69 22.36
C ASN A 231 -7.72 -8.20 22.18
N MET A 232 -6.96 -8.70 21.21
CA MET A 232 -6.85 -10.13 20.96
C MET A 232 -5.93 -10.77 21.99
N LYS A 233 -6.40 -11.85 22.62
CA LYS A 233 -5.53 -12.61 23.52
C LYS A 233 -4.74 -13.67 22.77
N GLU A 234 -5.40 -14.40 21.87
CA GLU A 234 -4.77 -15.47 21.12
C GLU A 234 -4.95 -15.32 19.61
N GLN A 235 -6.08 -14.78 19.17
CA GLN A 235 -6.36 -14.70 17.74
C GLN A 235 -5.38 -13.79 17.01
N GLY A 236 -4.98 -12.69 17.64
CA GLY A 236 -4.05 -11.76 17.05
C GLY A 236 -2.59 -12.06 17.32
N GLN A 237 -2.28 -13.24 17.87
CA GLN A 237 -0.89 -13.59 18.16
C GLN A 237 -0.05 -13.62 16.89
N ALA A 238 -0.58 -14.22 15.82
CA ALA A 238 0.17 -14.30 14.57
C ALA A 238 0.40 -12.92 13.97
N LEU A 239 -0.61 -12.05 14.02
CA LEU A 239 -0.47 -10.73 13.42
C LEU A 239 0.47 -9.85 14.24
N ARG A 240 0.47 -10.00 15.56
CA ARG A 240 1.29 -9.14 16.41
C ARG A 240 2.77 -9.33 16.16
N GLU A 241 3.21 -10.59 16.00
CA GLU A 241 4.63 -10.86 15.83
C GLU A 241 5.15 -10.30 14.51
N PHE A 242 4.37 -10.38 13.44
CA PHE A 242 4.80 -9.84 12.16
C PHE A 242 5.01 -8.33 12.25
N PHE A 243 4.06 -7.62 12.85
CA PHE A 243 4.21 -6.19 13.01
C PHE A 243 5.35 -5.84 13.95
N ASP A 244 5.58 -6.64 14.99
CA ASP A 244 6.71 -6.39 15.89
C ASP A 244 8.04 -6.56 15.16
N SER A 245 8.16 -7.61 14.35
CA SER A 245 9.37 -7.82 13.58
C SER A 245 9.60 -6.68 12.58
N LEU A 246 8.52 -6.23 11.94
CA LEU A 246 8.63 -5.07 11.06
C LEU A 246 9.06 -3.84 11.85
N ASN A 247 8.57 -3.70 13.09
CA ASN A 247 8.95 -2.56 13.92
C ASN A 247 10.44 -2.57 14.23
N GLU A 248 10.99 -3.73 14.60
CA GLU A 248 12.42 -3.81 14.85
C GLU A 248 13.22 -3.58 13.57
N ALA A 249 12.72 -4.07 12.44
CA ALA A 249 13.39 -3.82 11.17
C ALA A 249 13.45 -2.33 10.88
N ILE A 250 12.36 -1.61 11.11
CA ILE A 250 12.37 -0.16 10.91
C ILE A 250 13.28 0.52 11.93
N MET A 251 13.31 0.00 13.16
CA MET A 251 14.22 0.56 14.16
C MET A 251 15.65 0.55 13.66
N ARG A 252 16.13 -0.62 13.21
CA ARG A 252 17.51 -0.69 12.76
C ARG A 252 17.70 -0.05 11.39
N LEU A 253 16.63 0.10 10.61
CA LEU A 253 16.73 0.89 9.38
C LEU A 253 17.00 2.36 9.70
N VAL A 254 16.30 2.90 10.69
CA VAL A 254 16.58 4.26 11.15
C VAL A 254 17.99 4.35 11.73
N ALA A 255 18.37 3.33 12.52
CA ALA A 255 19.68 3.36 13.18
C ALA A 255 20.82 3.37 12.17
N VAL A 256 20.77 2.48 11.17
CA VAL A 256 21.89 2.35 10.25
C VAL A 256 22.00 3.57 9.34
N ILE A 257 20.86 4.14 8.94
CA ILE A 257 20.88 5.27 8.02
C ILE A 257 21.29 6.56 8.72
N MET A 258 21.26 6.59 10.06
CA MET A 258 21.58 7.80 10.79
C MET A 258 23.09 8.07 10.83
N TRP A 259 23.92 7.08 10.48
CA TRP A 259 25.35 7.31 10.42
C TRP A 259 25.74 8.28 9.31
N TYR A 260 24.84 8.50 8.34
CA TYR A 260 25.07 9.49 7.30
C TYR A 260 24.71 10.90 7.73
N ALA A 261 24.07 11.05 8.89
CA ALA A 261 23.62 12.37 9.34
C ALA A 261 24.72 13.42 9.44
N PRO A 262 25.93 13.13 9.96
CA PRO A 262 26.94 14.20 10.10
C PRO A 262 27.21 14.97 8.80
N VAL A 263 27.60 14.26 7.74
CA VAL A 263 27.95 14.94 6.49
C VAL A 263 26.73 15.60 5.86
N GLY A 264 25.56 14.98 5.99
CA GLY A 264 24.36 15.58 5.45
C GLY A 264 24.02 16.89 6.11
N ILE A 265 24.09 16.94 7.44
CA ILE A 265 23.83 18.18 8.16
C ILE A 265 24.91 19.20 7.86
N LEU A 266 26.16 18.75 7.73
CA LEU A 266 27.25 19.63 7.33
C LEU A 266 26.92 20.36 6.03
N PHE A 267 26.54 19.60 5.01
CA PHE A 267 26.28 20.19 3.70
C PHE A 267 25.00 21.01 3.70
N LEU A 268 23.98 20.59 4.46
CA LEU A 268 22.76 21.37 4.55
C LEU A 268 23.01 22.73 5.17
N ILE A 269 23.77 22.75 6.28
CA ILE A 269 24.11 24.02 6.92
C ILE A 269 24.92 24.90 5.96
N ALA A 270 25.92 24.30 5.31
CA ALA A 270 26.77 25.07 4.40
C ALA A 270 25.97 25.66 3.26
N GLY A 271 25.06 24.88 2.67
CA GLY A 271 24.26 25.38 1.57
C GLY A 271 23.26 26.44 1.99
N LYS A 272 22.62 26.25 3.14
CA LYS A 272 21.57 27.17 3.54
C LYS A 272 22.13 28.50 4.08
N ILE A 273 23.31 28.47 4.70
CA ILE A 273 23.86 29.71 5.25
C ILE A 273 24.18 30.70 4.13
N VAL A 274 24.77 30.23 3.04
CA VAL A 274 25.27 31.13 2.01
C VAL A 274 24.16 31.76 1.18
N GLU A 275 23.00 31.11 1.07
CA GLU A 275 21.92 31.65 0.25
C GLU A 275 20.97 32.54 1.04
N MET A 276 21.04 32.52 2.36
CA MET A 276 20.14 33.26 3.22
C MET A 276 20.77 34.61 3.57
N GLU A 277 20.06 35.69 3.28
CA GLU A 277 20.57 37.04 3.48
C GLU A 277 19.97 37.67 4.74
N ASP A 278 20.66 38.71 5.22
CA ASP A 278 20.31 39.39 6.48
C ASP A 278 20.36 38.39 7.65
N MET A 279 21.58 37.94 7.92
CA MET A 279 21.80 36.95 8.97
C MET A 279 21.39 37.48 10.34
N GLY A 280 21.37 38.80 10.51
CA GLY A 280 21.07 39.36 11.83
C GLY A 280 19.67 39.04 12.30
N VAL A 281 18.68 39.20 11.41
CA VAL A 281 17.29 38.97 11.82
C VAL A 281 17.05 37.49 12.08
N ILE A 282 17.65 36.61 11.28
CA ILE A 282 17.46 35.18 11.51
C ILE A 282 18.16 34.75 12.79
N GLY A 283 19.31 35.36 13.11
CA GLY A 283 19.96 35.07 14.38
C GLY A 283 19.12 35.53 15.56
N GLY A 284 18.53 36.72 15.45
CA GLY A 284 17.62 37.16 16.50
C GLY A 284 16.43 36.24 16.65
N GLN A 285 15.86 35.78 15.53
CA GLN A 285 14.71 34.88 15.58
C GLN A 285 15.08 33.54 16.24
N LEU A 286 16.25 32.99 15.90
CA LEU A 286 16.65 31.72 16.51
C LEU A 286 16.97 31.90 17.99
N ALA A 287 17.54 33.05 18.38
CA ALA A 287 17.75 33.32 19.80
C ALA A 287 16.42 33.42 20.54
N MET A 288 15.43 34.07 19.92
CA MET A 288 14.11 34.15 20.53
C MET A 288 13.48 32.77 20.66
N TYR A 289 13.65 31.93 19.64
CA TYR A 289 13.17 30.55 19.75
C TYR A 289 13.84 29.81 20.90
N THR A 290 15.16 29.96 21.03
CA THR A 290 15.88 29.28 22.10
C THR A 290 15.36 29.72 23.46
N VAL A 291 15.21 31.04 23.65
CA VAL A 291 14.70 31.55 24.91
C VAL A 291 13.28 31.04 25.17
N THR A 292 12.43 31.06 24.15
CA THR A 292 11.05 30.61 24.29
C THR A 292 10.99 29.15 24.72
N VAL A 293 11.72 28.29 24.02
CA VAL A 293 11.64 26.86 24.32
C VAL A 293 12.22 26.57 25.69
N ILE A 294 13.35 27.18 26.04
CA ILE A 294 13.98 26.86 27.31
C ILE A 294 13.09 27.34 28.46
N VAL A 295 12.53 28.56 28.34
CA VAL A 295 11.68 29.09 29.39
C VAL A 295 10.42 28.27 29.54
N GLY A 296 9.78 27.92 28.41
CA GLY A 296 8.57 27.12 28.46
C GLY A 296 8.80 25.76 29.08
N LEU A 297 9.91 25.11 28.71
CA LEU A 297 10.20 23.79 29.25
C LEU A 297 10.43 23.87 30.76
N LEU A 298 11.23 24.83 31.21
CA LEU A 298 11.47 24.96 32.65
C LEU A 298 10.19 25.30 33.41
N ILE A 299 9.35 26.19 32.88
CA ILE A 299 8.16 26.56 33.63
C ILE A 299 7.17 25.40 33.68
N HIS A 300 7.01 24.67 32.57
CA HIS A 300 6.18 23.48 32.60
C HIS A 300 6.74 22.42 33.53
N ALA A 301 8.06 22.38 33.70
CA ALA A 301 8.66 21.41 34.61
C ALA A 301 8.45 21.78 36.08
N VAL A 302 8.56 23.06 36.43
CA VAL A 302 8.68 23.43 37.83
C VAL A 302 7.53 24.30 38.33
N ILE A 303 6.45 24.44 37.57
CA ILE A 303 5.25 25.07 38.14
C ILE A 303 4.04 24.17 38.04
N VAL A 304 3.62 23.84 36.81
CA VAL A 304 2.37 23.11 36.65
C VAL A 304 2.50 21.67 37.14
N LEU A 305 3.61 21.01 36.81
CA LEU A 305 3.81 19.64 37.28
C LEU A 305 3.91 19.55 38.80
N PRO A 306 4.71 20.36 39.50
CA PRO A 306 4.69 20.30 40.97
C PRO A 306 3.33 20.66 41.56
N LEU A 307 2.61 21.60 40.93
CA LEU A 307 1.29 21.98 41.44
C LEU A 307 0.31 20.81 41.37
N LEU A 308 0.26 20.13 40.22
CA LEU A 308 -0.63 18.98 40.09
C LEU A 308 -0.17 17.81 40.95
N TYR A 309 1.14 17.66 41.16
CA TYR A 309 1.62 16.64 42.08
C TYR A 309 1.16 16.92 43.51
N PHE A 310 1.25 18.18 43.95
CA PHE A 310 0.83 18.54 45.30
C PHE A 310 -0.68 18.50 45.45
N LEU A 311 -1.42 18.70 44.35
CA LEU A 311 -2.88 18.69 44.43
C LEU A 311 -3.41 17.33 44.87
N VAL A 312 -2.83 16.25 44.36
CA VAL A 312 -3.31 14.90 44.64
C VAL A 312 -2.45 14.18 45.67
N THR A 313 -1.13 14.14 45.44
CA THR A 313 -0.25 13.40 46.34
C THR A 313 -0.20 14.04 47.73
N ARG A 314 -0.31 15.36 47.81
CA ARG A 314 -0.25 16.10 49.07
C ARG A 314 1.08 15.87 49.80
N LYS A 315 2.16 15.71 49.04
CA LYS A 315 3.49 15.51 49.59
C LYS A 315 4.43 16.60 49.08
N ASN A 316 5.69 16.53 49.51
CA ASN A 316 6.69 17.51 49.13
C ASN A 316 7.46 16.99 47.92
N PRO A 317 7.35 17.64 46.75
CA PRO A 317 8.13 17.18 45.58
C PRO A 317 9.62 17.45 45.69
N TRP A 318 10.05 18.31 46.61
CA TRP A 318 11.48 18.59 46.75
C TRP A 318 12.24 17.35 47.23
N VAL A 319 11.64 16.59 48.15
CA VAL A 319 12.26 15.33 48.57
C VAL A 319 12.32 14.35 47.42
N PHE A 320 11.30 14.35 46.56
CA PHE A 320 11.30 13.52 45.36
C PHE A 320 12.46 13.89 44.45
N ILE A 321 12.71 15.19 44.26
CA ILE A 321 13.84 15.62 43.43
C ILE A 321 15.16 15.20 44.06
N GLY A 322 15.28 15.34 45.37
CA GLY A 322 16.49 14.90 46.05
C GLY A 322 16.73 13.41 45.89
N GLY A 323 15.65 12.62 45.95
CA GLY A 323 15.80 11.18 45.74
C GLY A 323 16.18 10.83 44.32
N LEU A 324 15.62 11.52 43.33
CA LEU A 324 15.78 11.16 41.93
C LEU A 324 16.90 11.92 41.22
N LEU A 325 17.64 12.78 41.92
CA LEU A 325 18.67 13.58 41.25
C LEU A 325 19.72 12.71 40.56
N GLN A 326 20.03 11.53 41.11
CA GLN A 326 21.00 10.66 40.45
C GLN A 326 20.49 10.21 39.09
N ALA A 327 19.24 9.76 39.03
CA ALA A 327 18.64 9.38 37.76
C ALA A 327 18.54 10.57 36.81
N LEU A 328 18.25 11.76 37.35
CA LEU A 328 18.19 12.95 36.49
C LEU A 328 19.54 13.26 35.89
N ILE A 329 20.61 13.14 36.67
CA ILE A 329 21.97 13.37 36.18
C ILE A 329 22.32 12.34 35.11
N THR A 330 21.97 11.08 35.35
CA THR A 330 22.26 10.05 34.35
C THR A 330 21.51 10.31 33.05
N ALA A 331 20.24 10.72 33.15
CA ALA A 331 19.47 11.05 31.95
C ALA A 331 20.05 12.26 31.22
N LEU A 332 20.49 13.27 31.97
CA LEU A 332 21.11 14.44 31.36
C LEU A 332 22.40 14.05 30.62
N GLY A 333 23.20 13.17 31.22
CA GLY A 333 24.45 12.76 30.63
C GLY A 333 24.29 11.87 29.40
N THR A 334 23.59 10.75 29.56
CA THR A 334 23.46 9.81 28.45
C THR A 334 22.48 10.30 27.39
N SER A 335 21.50 11.12 27.79
CA SER A 335 20.48 11.64 26.88
C SER A 335 19.71 10.50 26.20
N SER A 336 19.44 9.44 26.96
CA SER A 336 18.71 8.28 26.46
C SER A 336 17.79 7.77 27.56
N SER A 337 16.47 7.85 27.32
CA SER A 337 15.51 7.39 28.31
C SER A 337 15.62 5.88 28.53
N SER A 338 15.80 5.11 27.47
CA SER A 338 15.90 3.67 27.60
C SER A 338 17.15 3.26 28.37
N ALA A 339 18.27 3.94 28.12
CA ALA A 339 19.52 3.59 28.80
C ALA A 339 19.43 3.81 30.30
N THR A 340 18.79 4.89 30.71
CA THR A 340 18.65 5.24 32.13
C THR A 340 17.41 4.64 32.76
N LEU A 341 16.68 3.80 32.03
CA LEU A 341 15.46 3.21 32.58
C LEU A 341 15.73 2.32 33.81
N PRO A 342 16.67 1.37 33.78
CA PRO A 342 16.98 0.62 35.01
C PRO A 342 17.50 1.51 36.13
N ILE A 343 18.21 2.58 35.79
CA ILE A 343 18.66 3.54 36.80
C ILE A 343 17.45 4.18 37.48
N THR A 344 16.44 4.54 36.69
CA THR A 344 15.23 5.10 37.27
C THR A 344 14.52 4.09 38.17
N PHE A 345 14.43 2.83 37.71
CA PHE A 345 13.83 1.80 38.57
C PHE A 345 14.56 1.68 39.89
N LYS A 346 15.89 1.56 39.85
CA LYS A 346 16.63 1.37 41.10
C LYS A 346 16.54 2.60 42.00
N CYS A 347 16.54 3.80 41.40
CA CYS A 347 16.44 5.01 42.19
C CYS A 347 15.10 5.10 42.90
N LEU A 348 14.00 4.85 42.18
CA LEU A 348 12.70 4.89 42.82
C LEU A 348 12.53 3.74 43.81
N GLU A 349 13.23 2.63 43.60
CA GLU A 349 13.09 1.50 44.52
C GLU A 349 13.80 1.76 45.83
N GLU A 350 15.02 2.31 45.80
CA GLU A 350 15.83 2.41 47.01
C GLU A 350 15.80 3.79 47.65
N ASN A 351 15.75 4.86 46.86
CA ASN A 351 15.87 6.20 47.43
C ASN A 351 14.51 6.88 47.59
N ASN A 352 13.63 6.76 46.60
CA ASN A 352 12.35 7.47 46.64
C ASN A 352 11.32 6.79 47.52
N GLY A 353 11.57 5.56 47.94
CA GLY A 353 10.62 4.85 48.79
C GLY A 353 9.30 4.57 48.10
N VAL A 354 9.36 4.08 46.88
CA VAL A 354 8.18 3.80 46.07
C VAL A 354 7.95 2.29 46.04
N ASP A 355 6.71 1.88 46.25
CA ASP A 355 6.37 0.46 46.19
C ASP A 355 6.63 -0.09 44.79
N LYS A 356 7.28 -1.25 44.74
CA LYS A 356 7.76 -1.77 43.46
C LYS A 356 6.66 -2.45 42.67
N ARG A 357 5.52 -2.77 43.30
CA ARG A 357 4.51 -3.59 42.65
C ARG A 357 3.95 -2.93 41.41
N VAL A 358 3.71 -1.62 41.46
CA VAL A 358 3.05 -0.93 40.36
C VAL A 358 4.02 -0.66 39.21
N THR A 359 5.33 -0.74 39.48
CA THR A 359 6.33 -0.14 38.60
C THR A 359 6.61 -0.91 37.32
N ARG A 360 6.27 -2.21 37.23
CA ARG A 360 6.62 -2.93 36.02
C ARG A 360 5.72 -2.57 34.83
N PHE A 361 4.51 -2.07 35.08
CA PHE A 361 3.56 -1.90 33.99
C PHE A 361 3.20 -0.46 33.67
N VAL A 362 3.21 0.45 34.65
CA VAL A 362 2.85 1.83 34.37
C VAL A 362 3.93 2.52 33.54
N LEU A 363 5.20 2.32 33.89
CA LEU A 363 6.28 3.04 33.20
C LEU A 363 6.44 2.64 31.74
N PRO A 364 6.48 1.35 31.36
CA PRO A 364 6.72 1.03 29.95
C PRO A 364 5.60 1.47 29.03
N VAL A 365 4.34 1.24 29.42
CA VAL A 365 3.23 1.67 28.57
C VAL A 365 3.17 3.19 28.47
N GLY A 366 3.53 3.89 29.55
CA GLY A 366 3.57 5.34 29.51
C GLY A 366 4.67 5.86 28.59
N ALA A 367 5.83 5.21 28.60
CA ALA A 367 6.92 5.62 27.72
C ALA A 367 6.53 5.45 26.25
N THR A 368 5.85 4.36 25.92
CA THR A 368 5.46 4.10 24.54
C THR A 368 4.35 5.03 24.08
N ILE A 369 3.37 5.29 24.94
CA ILE A 369 2.24 6.14 24.58
C ILE A 369 2.66 7.60 24.51
N GLY A 373 6.39 15.84 27.15
CA GLY A 373 7.02 17.09 26.79
C GLY A 373 7.37 17.19 25.32
N THR A 374 7.35 16.04 24.63
CA THR A 374 7.66 16.02 23.21
C THR A 374 6.62 16.80 22.40
N ALA A 375 5.34 16.69 22.76
CA ALA A 375 4.30 17.40 22.03
C ALA A 375 4.48 18.91 22.14
N LEU A 376 4.90 19.38 23.32
CA LEU A 376 5.15 20.80 23.50
C LEU A 376 6.23 21.30 22.56
N TYR A 377 7.34 20.56 22.45
CA TYR A 377 8.43 20.96 21.57
C TYR A 377 8.02 20.90 20.10
N GLU A 378 7.23 19.88 19.74
CA GLU A 378 6.69 19.80 18.38
C GLU A 378 5.83 21.03 18.07
N ALA A 379 4.95 21.40 18.99
CA ALA A 379 4.09 22.56 18.78
C ALA A 379 4.90 23.84 18.67
N LEU A 380 5.91 23.99 19.52
CA LEU A 380 6.77 25.18 19.46
C LEU A 380 7.45 25.28 18.10
N ALA A 381 8.06 24.18 17.64
CA ALA A 381 8.74 24.20 16.36
C ALA A 381 7.78 24.48 15.21
N ALA A 382 6.60 23.85 15.24
CA ALA A 382 5.65 24.05 14.16
C ALA A 382 5.13 25.48 14.11
N ILE A 383 4.80 26.06 15.28
CA ILE A 383 4.28 27.42 15.30
C ILE A 383 5.36 28.41 14.88
N PHE A 384 6.62 28.14 15.26
CA PHE A 384 7.71 29.02 14.84
C PHE A 384 7.93 28.94 13.33
N ILE A 385 7.89 27.74 12.77
CA ILE A 385 8.04 27.59 11.32
C ILE A 385 6.91 28.29 10.59
N ALA A 386 5.69 28.18 11.11
CA ALA A 386 4.57 28.90 10.51
C ALA A 386 4.77 30.41 10.60
N GLN A 387 5.32 30.88 11.72
CA GLN A 387 5.48 32.33 11.91
C GLN A 387 6.63 32.89 11.07
N VAL A 388 7.65 32.09 10.77
CA VAL A 388 8.84 32.60 10.11
C VAL A 388 8.53 33.04 8.68
N ASN A 389 7.78 32.23 7.93
CA ASN A 389 7.58 32.48 6.51
C ASN A 389 6.47 33.48 6.22
N ASN A 390 6.13 34.34 7.18
CA ASN A 390 5.16 35.42 7.00
C ASN A 390 3.76 34.90 6.72
N PHE A 391 3.40 33.77 7.30
CA PHE A 391 2.03 33.28 7.20
C PHE A 391 1.10 34.15 8.04
N GLU A 392 -0.20 34.08 7.74
CA GLU A 392 -1.15 34.98 8.40
C GLU A 392 -1.35 34.60 9.86
N LEU A 393 -1.28 33.31 10.19
CA LEU A 393 -1.38 32.81 11.56
C LEU A 393 -2.71 33.21 12.21
N ASN A 394 -3.80 32.64 11.69
CA ASN A 394 -5.11 32.89 12.26
C ASN A 394 -5.27 32.13 13.58
N PHE A 395 -6.26 32.56 14.36
CA PHE A 395 -6.56 31.93 15.64
C PHE A 395 -7.24 30.58 15.49
N GLY A 396 -7.61 30.18 14.27
CA GLY A 396 -8.25 28.90 14.07
C GLY A 396 -7.28 27.79 13.70
N GLN A 397 -6.20 28.12 13.01
CA GLN A 397 -5.22 27.12 12.61
C GLN A 397 -4.25 26.78 13.73
N ILE A 398 -4.20 27.60 14.80
CA ILE A 398 -3.28 27.31 15.90
C ILE A 398 -3.69 26.03 16.61
N ILE A 399 -4.98 25.84 16.85
CA ILE A 399 -5.43 24.60 17.47
C ILE A 399 -5.19 23.42 16.53
N THR A 400 -5.34 23.62 15.22
CA THR A 400 -5.09 22.53 14.28
C THR A 400 -3.63 22.10 14.30
N ILE A 401 -2.71 23.06 14.29
CA ILE A 401 -1.30 22.71 14.31
C ILE A 401 -0.92 22.13 15.67
N SER A 402 -1.56 22.58 16.76
CA SER A 402 -1.29 21.99 18.07
C SER A 402 -1.73 20.53 18.11
N ILE A 403 -2.91 20.23 17.58
CA ILE A 403 -3.38 18.85 17.55
C ILE A 403 -2.49 18.00 16.64
N THR A 404 -2.08 18.56 15.50
CA THR A 404 -1.18 17.83 14.61
C THR A 404 0.14 17.52 15.30
N ALA A 405 0.70 18.49 16.02
CA ALA A 405 1.96 18.27 16.73
C ALA A 405 1.81 17.22 17.84
N THR A 406 0.71 17.29 18.60
CA THR A 406 0.56 16.35 19.71
C THR A 406 0.26 14.94 19.21
N ALA A 407 -0.37 14.83 18.04
CA ALA A 407 -0.56 13.50 17.45
C ALA A 407 0.72 12.98 16.80
N ALA A 408 1.56 13.88 16.29
CA ALA A 408 2.79 13.47 15.62
C ALA A 408 3.78 12.84 16.60
N SER A 409 3.87 13.38 17.81
CA SER A 409 4.89 12.97 18.76
C SER A 409 4.54 11.70 19.53
N ILE A 410 3.34 11.15 19.35
CA ILE A 410 2.93 9.98 20.10
C ILE A 410 3.81 8.78 19.74
N GLY A 411 4.00 8.55 18.44
CA GLY A 411 4.79 7.42 17.98
C GLY A 411 6.04 7.85 17.23
N ALA A 412 6.73 8.86 17.75
CA ALA A 412 7.86 9.46 17.06
C ALA A 412 8.97 8.46 16.77
N ALA A 413 9.63 7.97 17.84
CA ALA A 413 10.75 7.05 17.71
C ALA A 413 11.19 6.65 19.11
N GLY A 414 12.10 5.67 19.16
CA GLY A 414 12.72 5.29 20.41
C GLY A 414 14.20 5.64 20.45
N ILE A 415 14.65 6.37 19.44
CA ILE A 415 16.05 6.77 19.33
C ILE A 415 16.29 7.99 20.22
N PRO A 416 17.52 8.21 20.70
CA PRO A 416 17.78 9.40 21.53
C PRO A 416 17.67 10.70 20.74
N GLN A 417 18.32 10.76 19.59
CA GLN A 417 18.30 11.97 18.74
C GLN A 417 17.16 11.83 17.74
N ALA A 418 15.94 12.09 18.21
CA ALA A 418 14.74 12.00 17.39
C ALA A 418 14.23 13.36 16.94
N GLY A 419 15.03 14.41 17.08
CA GLY A 419 14.59 15.73 16.67
C GLY A 419 14.35 15.84 15.17
N LEU A 420 15.28 15.34 14.37
CA LEU A 420 15.16 15.47 12.92
C LEU A 420 13.93 14.73 12.40
N VAL A 421 13.72 13.49 12.87
CA VAL A 421 12.59 12.72 12.39
C VAL A 421 11.28 13.34 12.82
N THR A 422 11.21 13.86 14.06
CA THR A 422 10.00 14.53 14.52
C THR A 422 9.70 15.77 13.70
N MET A 423 10.74 16.55 13.36
CA MET A 423 10.53 17.73 12.54
C MET A 423 10.06 17.35 11.15
N VAL A 424 10.60 16.27 10.58
CA VAL A 424 10.09 15.75 9.32
C VAL A 424 8.61 15.38 9.45
N ILE A 425 8.26 14.72 10.57
CA ILE A 425 6.87 14.30 10.78
C ILE A 425 5.95 15.51 10.75
N VAL A 426 6.28 16.53 11.54
CA VAL A 426 5.38 17.67 11.68
C VAL A 426 5.33 18.48 10.38
N LEU A 427 6.47 18.66 9.71
CA LEU A 427 6.48 19.45 8.49
C LEU A 427 5.76 18.74 7.35
N THR A 428 5.83 17.41 7.31
CA THR A 428 5.06 16.69 6.30
C THR A 428 3.57 16.66 6.64
N SER A 429 3.23 16.61 7.92
CA SER A 429 1.81 16.58 8.31
C SER A 429 1.16 17.95 8.12
N VAL A 430 1.92 19.04 8.22
CA VAL A 430 1.34 20.37 8.03
C VAL A 430 1.47 20.85 6.59
N GLY A 431 2.42 20.33 5.82
CA GLY A 431 2.59 20.71 4.43
C GLY A 431 3.50 21.88 4.17
N LEU A 432 4.01 22.52 5.22
CA LEU A 432 4.92 23.64 5.04
C LEU A 432 6.28 23.15 4.52
N PRO A 433 7.04 24.02 3.86
CA PRO A 433 8.36 23.61 3.35
C PRO A 433 9.27 23.12 4.46
N THR A 434 10.10 22.13 4.15
CA THR A 434 10.97 21.48 5.11
C THR A 434 12.41 21.96 5.01
N ASP A 435 12.64 23.15 4.43
CA ASP A 435 13.99 23.67 4.29
C ASP A 435 14.52 24.34 5.55
N ASP A 436 13.65 24.63 6.53
CA ASP A 436 14.04 25.36 7.73
C ASP A 436 14.49 24.44 8.86
N ILE A 437 15.00 23.25 8.52
CA ILE A 437 15.44 22.31 9.54
C ILE A 437 16.69 22.82 10.25
N THR A 438 17.59 23.47 9.50
CA THR A 438 18.92 23.80 10.02
C THR A 438 18.84 24.72 11.24
N LEU A 439 18.00 25.75 11.17
CA LEU A 439 17.92 26.72 12.26
C LEU A 439 17.44 26.06 13.54
N ILE A 440 16.50 25.12 13.43
CA ILE A 440 15.89 24.54 14.62
C ILE A 440 16.68 23.34 15.11
N ILE A 441 17.59 22.80 14.28
CA ILE A 441 18.45 21.71 14.74
C ILE A 441 19.85 22.19 15.09
N ALA A 442 20.15 23.48 14.90
CA ALA A 442 21.47 23.99 15.27
C ALA A 442 21.70 23.99 16.78
N VAL A 443 20.64 23.82 17.57
CA VAL A 443 20.73 23.81 19.02
C VAL A 443 20.03 22.60 19.63
N ASP A 444 19.54 21.66 18.82
CA ASP A 444 18.73 20.56 19.32
C ASP A 444 19.51 19.58 20.19
N TRP A 445 20.84 19.66 20.22
CA TRP A 445 21.61 18.75 21.07
C TRP A 445 21.31 18.98 22.55
N PHE A 446 21.24 20.25 22.96
CA PHE A 446 20.91 20.60 24.33
C PHE A 446 19.41 20.44 24.60
N LEU A 447 18.59 20.77 23.60
CA LEU A 447 17.15 20.55 23.73
C LEU A 447 16.82 19.08 23.90
N ASP A 448 17.65 18.18 23.37
CA ASP A 448 17.42 16.75 23.55
C ASP A 448 17.67 16.32 24.99
N ARG A 449 18.72 16.86 25.62
CA ARG A 449 18.94 16.60 27.04
C ARG A 449 17.80 17.15 27.88
N LEU A 450 17.33 18.35 27.55
CA LEU A 450 16.17 18.89 28.25
C LEU A 450 14.93 18.01 28.03
N ARG A 451 14.74 17.52 26.81
CA ARG A 451 13.60 16.65 26.52
C ARG A 451 13.66 15.37 27.35
N THR A 452 14.83 14.73 27.41
CA THR A 452 14.92 13.47 28.13
C THR A 452 14.80 13.68 29.64
N THR A 453 15.33 14.79 30.16
CA THR A 453 15.17 15.03 31.60
C THR A 453 13.71 15.36 31.93
N THR A 454 13.01 16.11 31.08
CA THR A 454 11.59 16.33 31.31
C THR A 454 10.82 15.03 31.22
N ASN A 455 11.20 14.15 30.29
CA ASN A 455 10.55 12.86 30.15
C ASN A 455 10.73 12.01 31.41
N VAL A 456 11.94 11.99 31.97
CA VAL A 456 12.17 11.16 33.15
C VAL A 456 11.43 11.75 34.36
N LEU A 457 11.44 13.08 34.51
CA LEU A 457 10.62 13.69 35.56
C LEU A 457 9.15 13.30 35.42
N GLY A 458 8.61 13.43 34.21
CA GLY A 458 7.20 13.10 34.02
C GLY A 458 6.89 11.65 34.29
N ASP A 459 7.75 10.74 33.81
CA ASP A 459 7.53 9.32 34.03
C ASP A 459 7.60 8.96 35.50
N SER A 460 8.61 9.50 36.22
CA SER A 460 8.73 9.20 37.65
C SER A 460 7.55 9.76 38.43
N LEU A 461 7.10 10.98 38.11
CA LEU A 461 5.97 11.55 38.82
C LEU A 461 4.67 10.79 38.50
N GLY A 462 4.52 10.31 37.26
CA GLY A 462 3.38 9.48 36.94
C GLY A 462 3.40 8.16 37.70
N ALA A 463 4.58 7.55 37.82
CA ALA A 463 4.71 6.35 38.63
C ALA A 463 4.32 6.62 40.07
N GLY A 464 4.77 7.74 40.62
CA GLY A 464 4.39 8.10 41.98
C GLY A 464 2.91 8.31 42.15
N ILE A 465 2.28 9.02 41.19
CA ILE A 465 0.86 9.32 41.31
C ILE A 465 0.01 8.06 41.15
N VAL A 466 0.45 7.12 40.31
CA VAL A 466 -0.31 5.88 40.19
C VAL A 466 -0.04 4.96 41.37
N GLU A 467 1.12 5.09 42.02
CA GLU A 467 1.35 4.40 43.27
C GLU A 467 0.42 4.93 44.36
N HIS A 468 0.22 6.26 44.40
CA HIS A 468 -0.70 6.84 45.37
C HIS A 468 -2.12 6.34 45.15
N LEU A 469 -2.56 6.27 43.91
CA LEU A 469 -3.89 5.79 43.58
C LEU A 469 -3.99 4.28 43.73
N ALA B 1 -53.97 -17.50 21.49
CA ALA B 1 -52.72 -16.84 21.11
C ALA B 1 -52.51 -15.55 21.90
N LYS B 2 -53.55 -14.71 21.93
CA LYS B 2 -53.48 -13.45 22.66
C LYS B 2 -53.41 -13.65 24.17
N LYS B 3 -53.86 -14.79 24.67
CA LYS B 3 -53.75 -15.07 26.11
C LYS B 3 -52.31 -15.37 26.50
N LYS B 4 -51.55 -16.04 25.62
CA LYS B 4 -50.17 -16.36 25.93
C LYS B 4 -49.32 -15.10 26.09
N VAL B 5 -49.50 -14.13 25.19
CA VAL B 5 -48.76 -12.88 25.31
C VAL B 5 -49.23 -12.09 26.51
N GLN B 6 -50.49 -12.28 26.92
CA GLN B 6 -50.99 -11.63 28.13
C GLN B 6 -50.43 -12.27 29.40
N ASN B 7 -50.01 -13.53 29.32
CA ASN B 7 -49.37 -14.19 30.45
C ASN B 7 -47.87 -13.99 30.47
N ILE B 8 -47.25 -13.73 29.31
CA ILE B 8 -45.82 -13.51 29.23
C ILE B 8 -45.45 -12.03 29.30
N THR B 9 -46.43 -11.15 29.49
CA THR B 9 -46.23 -9.70 29.51
C THR B 9 -45.52 -9.20 30.77
N LYS B 10 -45.00 -10.09 31.62
CA LYS B 10 -44.30 -9.67 32.83
C LYS B 10 -43.09 -8.81 32.47
N GLU B 11 -42.68 -7.97 33.42
CA GLU B 11 -41.65 -6.98 33.17
C GLU B 11 -40.26 -7.61 33.08
N ASP B 12 -40.04 -8.47 32.07
CA ASP B 12 -38.73 -9.02 31.76
C ASP B 12 -38.52 -8.83 30.26
N VAL B 13 -38.03 -7.65 29.87
CA VAL B 13 -37.84 -7.32 28.46
C VAL B 13 -36.44 -6.75 28.28
N LYS B 14 -35.75 -6.49 29.40
CA LYS B 14 -34.43 -5.87 29.33
C LYS B 14 -33.43 -6.76 28.59
N SER B 15 -33.50 -8.07 28.81
CA SER B 15 -32.63 -8.99 28.08
C SER B 15 -32.94 -8.97 26.59
N TYR B 16 -34.22 -9.02 26.24
CA TYR B 16 -34.61 -8.95 24.83
C TYR B 16 -34.24 -7.60 24.23
N LEU B 17 -34.41 -6.52 25.01
CA LEU B 17 -34.03 -5.19 24.52
C LEU B 17 -32.54 -5.11 24.24
N PHE B 18 -31.71 -5.67 25.13
CA PHE B 18 -30.27 -5.62 24.94
C PHE B 18 -29.83 -6.52 23.79
N ARG B 19 -30.49 -7.67 23.63
CA ARG B 19 -30.11 -8.59 22.55
C ARG B 19 -30.40 -8.01 21.17
N ASN B 20 -31.50 -7.28 21.04
CA ASN B 20 -31.91 -6.68 19.77
C ASN B 20 -31.90 -5.16 19.86
N ALA B 21 -30.84 -4.61 20.47
CA ALA B 21 -30.78 -3.16 20.68
C ALA B 21 -30.52 -2.42 19.38
N PHE B 22 -29.69 -2.99 18.50
CA PHE B 22 -29.25 -2.24 17.32
C PHE B 22 -30.41 -1.87 16.41
N VAL B 23 -31.32 -2.82 16.15
CA VAL B 23 -32.42 -2.56 15.23
C VAL B 23 -33.36 -1.50 15.82
N LEU B 24 -33.68 -1.61 17.11
CA LEU B 24 -34.56 -0.63 17.72
C LEU B 24 -33.93 0.76 17.74
N LEU B 25 -32.63 0.83 18.07
CA LEU B 25 -31.95 2.12 18.08
C LEU B 25 -31.91 2.75 16.70
N THR B 26 -31.62 1.96 15.66
CA THR B 26 -31.53 2.54 14.32
C THR B 26 -32.92 2.95 13.82
N VAL B 27 -33.96 2.18 14.15
CA VAL B 27 -35.31 2.56 13.77
C VAL B 27 -35.72 3.85 14.45
N THR B 28 -35.43 3.97 15.74
CA THR B 28 -35.74 5.20 16.47
C THR B 28 -34.96 6.38 15.90
N ALA B 29 -33.69 6.15 15.55
CA ALA B 29 -32.88 7.22 14.96
C ALA B 29 -33.47 7.69 13.63
N VAL B 30 -33.89 6.75 12.78
CA VAL B 30 -34.48 7.12 11.50
C VAL B 30 -35.78 7.91 11.71
N ILE B 31 -36.62 7.44 12.64
CA ILE B 31 -37.89 8.12 12.89
C ILE B 31 -37.66 9.53 13.40
N VAL B 32 -36.76 9.68 14.38
CA VAL B 32 -36.51 11.00 14.95
C VAL B 32 -35.86 11.91 13.93
N GLY B 33 -34.99 11.36 13.07
CA GLY B 33 -34.39 12.18 12.03
C GLY B 33 -35.42 12.67 11.02
N THR B 34 -36.34 11.81 10.62
CA THR B 34 -37.40 12.24 9.71
C THR B 34 -38.26 13.31 10.36
N ILE B 35 -38.60 13.13 11.64
CA ILE B 35 -39.43 14.12 12.34
C ILE B 35 -38.70 15.45 12.42
N LEU B 36 -37.41 15.43 12.77
CA LEU B 36 -36.64 16.66 12.90
C LEU B 36 -36.49 17.35 11.55
N GLY B 37 -36.24 16.59 10.49
CA GLY B 37 -36.15 17.19 9.17
C GLY B 37 -37.45 17.81 8.72
N PHE B 38 -38.57 17.15 9.01
CA PHE B 38 -39.86 17.71 8.64
C PHE B 38 -40.16 18.98 9.43
N THR B 39 -39.85 18.99 10.73
CA THR B 39 -40.17 20.15 11.56
C THR B 39 -39.18 21.30 11.38
N LEU B 40 -37.99 21.03 10.84
CA LEU B 40 -37.01 22.07 10.60
C LEU B 40 -37.10 22.67 9.21
N ARG B 41 -37.98 22.14 8.35
CA ARG B 41 -38.13 22.68 7.01
C ARG B 41 -38.59 24.14 6.99
N PRO B 42 -39.61 24.55 7.75
CA PRO B 42 -40.01 25.97 7.69
C PRO B 42 -38.92 26.94 8.11
N TYR B 43 -38.05 26.55 9.03
CA TYR B 43 -36.96 27.42 9.49
C TYR B 43 -35.91 27.51 8.41
N ARG B 44 -35.95 28.60 7.63
CA ARG B 44 -34.95 28.80 6.58
C ARG B 44 -33.59 29.08 7.20
N MET B 45 -32.56 28.42 6.65
CA MET B 45 -31.24 28.45 7.25
C MET B 45 -30.20 28.10 6.18
N SER B 46 -29.00 28.64 6.36
CA SER B 46 -28.04 28.78 5.27
C SER B 46 -27.34 27.46 4.94
N TYR B 47 -26.64 27.47 3.81
CA TYR B 47 -25.91 26.29 3.35
C TYR B 47 -24.75 25.94 4.27
N ARG B 48 -24.02 26.94 4.74
CA ARG B 48 -22.95 26.68 5.70
C ARG B 48 -23.54 26.06 6.97
N GLU B 49 -24.70 26.56 7.40
CA GLU B 49 -25.36 26.00 8.57
C GLU B 49 -25.79 24.55 8.32
N VAL B 50 -26.29 24.24 7.12
CA VAL B 50 -26.75 22.88 6.87
C VAL B 50 -25.57 21.92 6.80
N LYS B 51 -24.43 22.37 6.26
CA LYS B 51 -23.23 21.55 6.30
C LYS B 51 -22.76 21.33 7.74
N TYR B 52 -22.80 22.39 8.55
CA TYR B 52 -22.42 22.24 9.96
C TYR B 52 -23.32 21.24 10.66
N PHE B 53 -24.63 21.29 10.39
CA PHE B 53 -25.57 20.40 11.04
C PHE B 53 -25.42 18.96 10.55
N SER B 54 -25.17 18.78 9.25
CA SER B 54 -25.15 17.45 8.65
C SER B 54 -23.77 16.83 8.59
N PHE B 55 -22.74 17.49 9.13
CA PHE B 55 -21.40 16.90 9.17
C PHE B 55 -21.32 15.46 9.67
N PRO B 56 -21.94 15.08 10.79
CA PRO B 56 -21.80 13.67 11.24
C PRO B 56 -22.28 12.65 10.23
N GLY B 57 -23.26 12.99 9.38
CA GLY B 57 -23.69 12.05 8.36
C GLY B 57 -22.60 11.71 7.37
N GLU B 58 -21.97 12.73 6.78
CA GLU B 58 -20.85 12.45 5.90
C GLU B 58 -19.62 11.99 6.65
N LEU B 59 -19.54 12.24 7.96
CA LEU B 59 -18.46 11.66 8.76
C LEU B 59 -18.61 10.15 8.84
N LEU B 60 -19.85 9.69 9.08
CA LEU B 60 -20.14 8.26 9.03
C LEU B 60 -19.87 7.70 7.63
N MET B 61 -20.25 8.47 6.59
CA MET B 61 -19.95 8.05 5.23
C MET B 61 -18.45 7.88 5.02
N ARG B 62 -17.66 8.82 5.54
CA ARG B 62 -16.21 8.75 5.43
C ARG B 62 -15.65 7.52 6.14
N MET B 63 -16.16 7.22 7.33
CA MET B 63 -15.68 6.04 8.05
C MET B 63 -16.03 4.76 7.29
N LEU B 64 -17.24 4.69 6.74
CA LEU B 64 -17.60 3.51 5.95
C LEU B 64 -16.77 3.39 4.67
N GLN B 65 -16.44 4.51 4.02
CA GLN B 65 -15.62 4.41 2.82
C GLN B 65 -14.14 4.26 3.15
N MET B 66 -13.75 4.46 4.41
CA MET B 66 -12.52 3.88 4.92
C MET B 66 -12.61 2.37 4.97
N LEU B 67 -13.68 1.86 5.59
CA LEU B 67 -13.81 0.43 5.84
C LEU B 67 -14.08 -0.37 4.57
N VAL B 68 -14.46 0.30 3.48
CA VAL B 68 -14.90 -0.43 2.28
C VAL B 68 -13.82 -1.37 1.75
N LEU B 69 -12.59 -0.88 1.61
CA LEU B 69 -11.57 -1.63 0.88
C LEU B 69 -10.99 -2.78 1.70
N PRO B 70 -10.40 -2.53 2.88
CA PRO B 70 -9.80 -3.65 3.62
C PRO B 70 -10.80 -4.73 3.98
N LEU B 71 -12.03 -4.33 4.30
CA LEU B 71 -13.06 -5.30 4.65
C LEU B 71 -13.27 -6.30 3.53
N ILE B 72 -13.58 -5.81 2.33
CA ILE B 72 -13.89 -6.70 1.23
C ILE B 72 -12.65 -7.52 0.84
N ILE B 73 -11.49 -6.87 0.74
CA ILE B 73 -10.32 -7.60 0.25
C ILE B 73 -9.93 -8.71 1.22
N SER B 74 -9.88 -8.40 2.52
CA SER B 74 -9.45 -9.40 3.49
C SER B 74 -10.50 -10.50 3.68
N SER B 75 -11.78 -10.12 3.72
CA SER B 75 -12.83 -11.12 3.87
C SER B 75 -12.84 -12.07 2.68
N LEU B 76 -12.71 -11.54 1.46
CA LEU B 76 -12.71 -12.40 0.29
C LEU B 76 -11.46 -13.26 0.23
N VAL B 77 -10.31 -12.72 0.63
CA VAL B 77 -9.09 -13.52 0.67
C VAL B 77 -9.26 -14.70 1.63
N THR B 78 -9.81 -14.42 2.82
CA THR B 78 -10.03 -15.49 3.80
C THR B 78 -11.03 -16.52 3.27
N GLY B 79 -12.11 -16.06 2.64
CA GLY B 79 -13.09 -16.99 2.10
C GLY B 79 -12.52 -17.87 1.01
N MET B 80 -11.74 -17.28 0.09
CA MET B 80 -11.12 -18.06 -0.98
C MET B 80 -10.11 -19.05 -0.41
N ALA B 81 -9.34 -18.64 0.60
CA ALA B 81 -8.39 -19.56 1.22
C ALA B 81 -9.11 -20.73 1.89
N ALA B 82 -10.22 -20.46 2.57
CA ALA B 82 -10.96 -21.52 3.24
C ALA B 82 -11.76 -22.38 2.28
N LEU B 83 -12.06 -21.89 1.08
CA LEU B 83 -12.87 -22.65 0.14
C LEU B 83 -12.14 -23.91 -0.32
N ASP B 84 -10.85 -23.79 -0.64
CA ASP B 84 -10.11 -24.95 -1.14
C ASP B 84 -9.95 -26.02 -0.07
N SER B 85 -9.72 -25.62 1.18
CA SER B 85 -9.52 -26.59 2.25
C SER B 85 -10.79 -27.37 2.54
N LYS B 86 -11.92 -26.68 2.68
CA LYS B 86 -13.17 -27.36 3.00
C LYS B 86 -13.73 -28.09 1.78
N ALA B 87 -13.69 -27.46 0.61
CA ALA B 87 -14.19 -28.08 -0.63
C ALA B 87 -12.98 -28.60 -1.41
N SER B 88 -12.56 -29.81 -1.05
CA SER B 88 -11.40 -30.45 -1.65
C SER B 88 -11.75 -31.33 -2.84
N GLY B 89 -13.02 -31.45 -3.20
CA GLY B 89 -13.42 -32.33 -4.28
C GLY B 89 -14.14 -31.64 -5.42
N LYS B 90 -14.63 -32.44 -6.38
CA LYS B 90 -15.35 -31.89 -7.52
C LYS B 90 -16.73 -31.36 -7.14
N MET B 91 -17.34 -31.90 -6.09
CA MET B 91 -18.67 -31.43 -5.69
C MET B 91 -18.63 -29.99 -5.19
N GLY B 92 -17.51 -29.57 -4.58
CA GLY B 92 -17.39 -28.17 -4.20
C GLY B 92 -17.34 -27.25 -5.39
N MET B 93 -16.61 -27.64 -6.45
CA MET B 93 -16.60 -26.87 -7.68
C MET B 93 -17.99 -26.84 -8.31
N ARG B 94 -18.69 -27.98 -8.27
CA ARG B 94 -20.06 -28.01 -8.77
C ARG B 94 -20.95 -27.05 -8.00
N ALA B 95 -20.82 -27.02 -6.67
CA ALA B 95 -21.63 -26.12 -5.86
C ALA B 95 -21.32 -24.66 -6.15
N VAL B 96 -20.04 -24.31 -6.28
CA VAL B 96 -19.70 -22.91 -6.53
C VAL B 96 -20.14 -22.49 -7.93
N VAL B 97 -20.06 -23.39 -8.91
CA VAL B 97 -20.56 -23.08 -10.25
C VAL B 97 -22.08 -22.90 -10.21
N TYR B 98 -22.77 -23.75 -9.46
CA TYR B 98 -24.22 -23.62 -9.28
C TYR B 98 -24.58 -22.27 -8.67
N TYR B 99 -23.86 -21.86 -7.63
CA TYR B 99 -24.15 -20.58 -6.98
C TYR B 99 -23.84 -19.41 -7.90
N MET B 100 -22.76 -19.52 -8.68
CA MET B 100 -22.42 -18.47 -9.64
C MET B 100 -23.51 -18.33 -10.70
N THR B 101 -23.99 -19.45 -11.24
CA THR B 101 -25.02 -19.34 -12.26
C THR B 101 -26.34 -18.86 -11.68
N THR B 102 -26.66 -19.23 -10.43
CA THR B 102 -27.86 -18.70 -9.80
C THR B 102 -27.78 -17.20 -9.59
N THR B 103 -26.62 -16.69 -9.16
CA THR B 103 -26.50 -15.25 -8.98
C THR B 103 -26.49 -14.51 -10.31
N ILE B 104 -25.97 -15.13 -11.38
CA ILE B 104 -26.09 -14.53 -12.70
C ILE B 104 -27.54 -14.45 -13.13
N ILE B 105 -28.31 -15.52 -12.89
CA ILE B 105 -29.74 -15.48 -13.20
C ILE B 105 -30.43 -14.38 -12.41
N ALA B 106 -30.07 -14.25 -11.12
CA ALA B 106 -30.67 -13.21 -10.30
C ALA B 106 -30.38 -11.82 -10.85
N VAL B 107 -29.12 -11.55 -11.19
CA VAL B 107 -28.76 -10.21 -11.64
C VAL B 107 -29.39 -9.91 -13.00
N VAL B 108 -29.46 -10.90 -13.89
CA VAL B 108 -30.05 -10.64 -15.20
C VAL B 108 -31.56 -10.44 -15.08
N ILE B 109 -32.23 -11.21 -14.22
CA ILE B 109 -33.66 -10.99 -14.06
C ILE B 109 -33.92 -9.63 -13.42
N GLY B 110 -33.06 -9.21 -12.49
CA GLY B 110 -33.22 -7.90 -11.89
C GLY B 110 -33.03 -6.77 -12.89
N ILE B 111 -32.02 -6.90 -13.76
CA ILE B 111 -31.78 -5.85 -14.75
C ILE B 111 -32.92 -5.81 -15.77
N ILE B 112 -33.45 -6.97 -16.14
CA ILE B 112 -34.62 -6.98 -17.03
C ILE B 112 -35.80 -6.30 -16.36
N ILE B 113 -36.02 -6.56 -15.07
CA ILE B 113 -37.12 -5.92 -14.36
C ILE B 113 -36.96 -4.41 -14.36
N VAL B 114 -35.76 -3.92 -14.01
CA VAL B 114 -35.57 -2.47 -13.93
C VAL B 114 -35.66 -1.83 -15.31
N ILE B 115 -35.29 -2.58 -16.37
CA ILE B 115 -35.43 -2.04 -17.72
C ILE B 115 -36.90 -1.94 -18.11
N ILE B 116 -37.69 -2.98 -17.80
CA ILE B 116 -39.04 -3.05 -18.33
C ILE B 116 -40.00 -2.17 -17.53
N ILE B 117 -39.83 -2.08 -16.21
CA ILE B 117 -40.79 -1.34 -15.40
C ILE B 117 -40.39 0.12 -15.17
N HIS B 118 -39.11 0.46 -15.32
CA HIS B 118 -38.60 1.81 -15.13
C HIS B 118 -39.02 2.38 -13.77
N PRO B 119 -38.42 1.92 -12.67
CA PRO B 119 -38.84 2.42 -11.35
C PRO B 119 -38.70 3.92 -11.20
N GLY B 120 -37.67 4.51 -11.81
CA GLY B 120 -37.51 5.95 -11.73
C GLY B 120 -38.53 6.70 -12.57
N LYS B 121 -38.76 7.94 -12.17
CA LYS B 121 -39.72 8.80 -12.88
C LYS B 121 -39.03 10.04 -13.43
N ARG B 135 -23.59 1.12 -29.94
CA ARG B 135 -22.21 0.83 -30.31
C ARG B 135 -21.32 2.05 -30.07
N VAL B 136 -21.95 3.22 -29.99
CA VAL B 136 -21.19 4.44 -29.76
C VAL B 136 -20.61 4.46 -28.35
N THR B 137 -21.35 3.92 -27.38
CA THR B 137 -20.88 3.89 -25.99
C THR B 137 -20.99 2.49 -25.43
N ALA B 138 -21.98 1.72 -25.90
CA ALA B 138 -22.20 0.37 -25.37
C ALA B 138 -20.99 -0.52 -25.61
N ALA B 139 -20.51 -0.56 -26.86
CA ALA B 139 -19.29 -1.31 -27.15
C ALA B 139 -18.11 -0.74 -26.39
N ASP B 140 -18.01 0.59 -26.31
CA ASP B 140 -16.94 1.21 -25.53
C ASP B 140 -17.07 0.88 -24.05
N ALA B 141 -18.29 0.85 -23.53
CA ALA B 141 -18.48 0.52 -22.11
C ALA B 141 -18.05 -0.90 -21.82
N PHE B 142 -18.45 -1.85 -22.67
CA PHE B 142 -18.03 -3.24 -22.48
C PHE B 142 -16.51 -3.37 -22.62
N LEU B 143 -15.93 -2.66 -23.58
CA LEU B 143 -14.48 -2.68 -23.76
C LEU B 143 -13.77 -2.16 -22.52
N ASP B 144 -14.27 -1.08 -21.95
CA ASP B 144 -13.67 -0.49 -20.75
C ASP B 144 -13.85 -1.40 -19.54
N LEU B 145 -14.98 -2.11 -19.45
CA LEU B 145 -15.12 -3.09 -18.38
C LEU B 145 -14.11 -4.23 -18.53
N ILE B 146 -13.93 -4.73 -19.74
CA ILE B 146 -12.97 -5.81 -19.96
C ILE B 146 -11.56 -5.34 -19.60
N ARG B 147 -11.24 -4.10 -19.95
CA ARG B 147 -9.95 -3.54 -19.55
C ARG B 147 -9.88 -3.32 -18.05
N ASN B 148 -11.02 -3.06 -17.40
CA ASN B 148 -11.05 -2.68 -15.99
C ASN B 148 -10.80 -3.86 -15.06
N MET B 149 -10.88 -5.10 -15.57
CA MET B 149 -10.54 -6.25 -14.76
C MET B 149 -9.08 -6.21 -14.31
N PHE B 150 -8.23 -5.51 -15.07
CA PHE B 150 -6.81 -5.38 -14.76
C PHE B 150 -6.41 -3.91 -14.81
N PRO B 151 -6.58 -3.19 -13.70
CA PRO B 151 -6.03 -1.83 -13.59
C PRO B 151 -4.51 -1.87 -13.58
N PRO B 152 -3.85 -0.71 -13.68
CA PRO B 152 -2.38 -0.70 -13.60
C PRO B 152 -1.84 -1.52 -12.44
N ASN B 153 -2.29 -1.24 -11.24
CA ASN B 153 -1.89 -2.02 -10.06
C ASN B 153 -2.82 -1.66 -8.91
N LEU B 154 -2.52 -2.19 -7.72
CA LEU B 154 -3.39 -1.99 -6.57
C LEU B 154 -3.48 -0.52 -6.18
N VAL B 155 -2.35 0.20 -6.22
CA VAL B 155 -2.34 1.59 -5.78
C VAL B 155 -3.22 2.45 -6.69
N GLU B 156 -3.09 2.28 -8.01
CA GLU B 156 -3.95 3.03 -8.93
C GLU B 156 -5.40 2.59 -8.80
N ALA B 157 -5.65 1.28 -8.63
CA ALA B 157 -7.00 0.80 -8.46
C ALA B 157 -7.66 1.33 -7.20
N CYS B 158 -6.86 1.74 -6.21
CA CYS B 158 -7.43 2.25 -4.97
C CYS B 158 -8.21 3.54 -5.20
N PHE B 159 -7.69 4.44 -6.02
CA PHE B 159 -8.25 5.79 -6.11
C PHE B 159 -8.68 6.26 -7.50
N LYS B 160 -8.43 5.49 -8.56
CA LYS B 160 -8.91 5.90 -9.87
C LYS B 160 -9.06 4.70 -10.80
N GLN B 161 -10.07 4.77 -11.66
CA GLN B 161 -10.36 3.70 -12.61
C GLN B 161 -9.72 4.04 -13.96
N PHE B 162 -10.13 3.31 -15.00
CA PHE B 162 -9.79 3.62 -16.37
C PHE B 162 -11.07 3.95 -17.13
N LYS B 163 -11.02 5.02 -17.92
CA LYS B 163 -12.17 5.43 -18.72
C LYS B 163 -11.66 5.94 -20.06
N THR B 164 -12.26 5.45 -21.15
CA THR B 164 -11.87 5.87 -22.48
C THR B 164 -12.42 7.26 -22.80
N ASN B 165 -11.67 8.01 -23.59
CA ASN B 165 -12.06 9.36 -23.99
C ASN B 165 -12.03 9.49 -25.51
N TYR B 166 -12.19 10.71 -26.01
CA TYR B 166 -12.14 10.98 -27.45
C TYR B 166 -11.39 12.29 -27.66
N GLU B 167 -10.18 12.20 -28.21
CA GLU B 167 -9.30 13.36 -28.38
C GLU B 167 -9.53 14.09 -29.70
N LYS B 168 -10.31 13.53 -30.61
CA LYS B 168 -10.82 14.18 -31.83
C LYS B 168 -9.74 14.59 -32.82
N ARG B 169 -8.47 14.25 -32.59
CA ARG B 169 -7.38 14.64 -33.50
C ARG B 169 -6.57 13.40 -33.86
N SER B 170 -7.01 12.68 -34.88
CA SER B 170 -6.31 11.50 -35.35
C SER B 170 -6.34 11.48 -36.87
N PHE B 171 -5.25 10.97 -37.46
CA PHE B 171 -5.10 10.88 -38.91
C PHE B 171 -5.29 12.24 -39.59
N ILE B 199 -10.56 16.07 -43.42
CA ILE B 199 -10.42 14.74 -44.00
C ILE B 199 -10.30 13.70 -42.90
N THR B 200 -10.50 14.13 -41.65
CA THR B 200 -10.40 13.23 -40.50
C THR B 200 -11.41 13.71 -39.45
N GLU B 201 -12.59 13.09 -39.47
CA GLU B 201 -13.65 13.40 -38.50
C GLU B 201 -14.24 12.06 -38.06
N GLU B 202 -13.80 11.57 -36.90
CA GLU B 202 -14.23 10.26 -36.42
C GLU B 202 -14.23 10.26 -34.90
N LEU B 203 -14.95 9.30 -34.33
CA LEU B 203 -15.03 9.11 -32.89
C LEU B 203 -13.86 8.23 -32.43
N VAL B 204 -12.67 8.81 -32.50
CA VAL B 204 -11.45 8.05 -32.19
C VAL B 204 -11.32 7.92 -30.68
N PRO B 205 -11.13 6.71 -30.15
CA PRO B 205 -10.91 6.55 -28.72
C PRO B 205 -9.50 6.97 -28.32
N VAL B 206 -9.34 7.26 -27.04
CA VAL B 206 -8.04 7.60 -26.46
C VAL B 206 -8.05 7.22 -24.98
N PRO B 207 -6.97 6.62 -24.47
CA PRO B 207 -6.96 6.22 -23.05
C PRO B 207 -7.07 7.42 -22.12
N GLY B 208 -7.70 7.18 -20.97
CA GLY B 208 -7.86 8.20 -19.94
C GLY B 208 -8.11 7.57 -18.60
N SER B 209 -8.16 8.42 -17.57
CA SER B 209 -8.34 7.98 -16.20
C SER B 209 -9.42 8.80 -15.52
N VAL B 210 -10.17 8.16 -14.63
CA VAL B 210 -11.23 8.80 -13.86
C VAL B 210 -11.10 8.37 -12.40
N ASN B 211 -11.15 9.35 -11.50
CA ASN B 211 -10.97 9.08 -10.08
C ASN B 211 -12.17 8.32 -9.51
N GLY B 212 -11.93 7.63 -8.39
CA GLY B 212 -12.97 6.87 -7.71
C GLY B 212 -12.41 5.75 -6.87
N VAL B 213 -13.08 4.59 -6.90
CA VAL B 213 -12.58 3.37 -6.28
C VAL B 213 -12.81 2.23 -7.27
N ASN B 214 -11.75 1.49 -7.61
CA ASN B 214 -11.84 0.43 -8.61
C ASN B 214 -11.87 -0.91 -7.88
N ALA B 215 -13.09 -1.31 -7.51
CA ALA B 215 -13.25 -2.58 -6.80
C ALA B 215 -13.14 -3.78 -7.73
N LEU B 216 -13.62 -3.65 -8.97
CA LEU B 216 -13.73 -4.80 -9.86
C LEU B 216 -12.37 -5.45 -10.12
N GLY B 217 -11.40 -4.64 -10.55
CA GLY B 217 -10.05 -5.16 -10.69
C GLY B 217 -9.47 -5.63 -9.37
N LEU B 218 -9.69 -4.86 -8.31
CA LEU B 218 -9.23 -5.27 -6.99
C LEU B 218 -9.89 -6.57 -6.55
N VAL B 219 -11.20 -6.70 -6.78
CA VAL B 219 -11.90 -7.88 -6.29
C VAL B 219 -11.48 -9.12 -7.09
N VAL B 220 -11.26 -8.98 -8.41
CA VAL B 220 -10.84 -10.13 -9.19
C VAL B 220 -9.41 -10.52 -8.84
N PHE B 221 -8.53 -9.55 -8.60
CA PHE B 221 -7.18 -9.86 -8.15
C PHE B 221 -7.21 -10.56 -6.80
N SER B 222 -8.08 -10.10 -5.90
CA SER B 222 -8.22 -10.75 -4.61
C SER B 222 -8.72 -12.19 -4.76
N MET B 223 -9.67 -12.42 -5.66
CA MET B 223 -10.16 -13.77 -5.89
C MET B 223 -9.04 -14.67 -6.39
N CYS B 224 -8.27 -14.20 -7.37
CA CYS B 224 -7.19 -15.01 -7.92
C CYS B 224 -6.12 -15.30 -6.86
N PHE B 225 -5.74 -14.28 -6.09
CA PHE B 225 -4.73 -14.46 -5.06
C PHE B 225 -5.22 -15.42 -3.98
N GLY B 226 -6.50 -15.32 -3.60
CA GLY B 226 -7.05 -16.23 -2.62
C GLY B 226 -7.07 -17.66 -3.12
N PHE B 227 -7.42 -17.86 -4.38
CA PHE B 227 -7.37 -19.19 -4.96
C PHE B 227 -5.95 -19.75 -4.94
N VAL B 228 -4.97 -18.92 -5.30
CA VAL B 228 -3.59 -19.37 -5.32
C VAL B 228 -3.12 -19.76 -3.91
N ILE B 229 -3.43 -18.92 -2.92
CA ILE B 229 -2.96 -19.21 -1.57
C ILE B 229 -3.71 -20.40 -0.98
N GLY B 230 -4.97 -20.60 -1.36
CA GLY B 230 -5.71 -21.76 -0.91
C GLY B 230 -5.27 -23.05 -1.58
N ASN B 231 -4.63 -22.96 -2.75
CA ASN B 231 -4.04 -24.15 -3.35
C ASN B 231 -2.89 -24.70 -2.51
N MET B 232 -2.35 -23.91 -1.58
CA MET B 232 -1.26 -24.35 -0.73
C MET B 232 -1.80 -25.26 0.37
N LYS B 233 -1.17 -26.43 0.53
CA LYS B 233 -1.52 -27.30 1.64
C LYS B 233 -0.72 -26.96 2.89
N GLU B 234 0.57 -26.73 2.75
CA GLU B 234 1.46 -26.44 3.87
C GLU B 234 2.27 -25.16 3.67
N GLN B 235 2.65 -24.84 2.42
CA GLN B 235 3.51 -23.69 2.17
C GLN B 235 2.82 -22.38 2.54
N GLY B 236 1.52 -22.28 2.27
CA GLY B 236 0.76 -21.08 2.58
C GLY B 236 0.17 -21.04 3.97
N GLN B 237 0.56 -21.97 4.85
CA GLN B 237 0.01 -21.99 6.20
C GLN B 237 0.36 -20.71 6.96
N ALA B 238 1.61 -20.25 6.84
CA ALA B 238 2.01 -19.04 7.54
C ALA B 238 1.26 -17.81 7.02
N LEU B 239 1.09 -17.72 5.70
CA LEU B 239 0.41 -16.56 5.13
C LEU B 239 -1.07 -16.55 5.45
N ARG B 240 -1.70 -17.74 5.49
CA ARG B 240 -3.14 -17.81 5.72
C ARG B 240 -3.53 -17.28 7.09
N GLU B 241 -2.76 -17.63 8.13
CA GLU B 241 -3.12 -17.21 9.47
C GLU B 241 -3.03 -15.70 9.65
N PHE B 242 -2.02 -15.06 9.03
CA PHE B 242 -1.89 -13.61 9.15
C PHE B 242 -3.10 -12.92 8.52
N PHE B 243 -3.50 -13.35 7.33
CA PHE B 243 -4.67 -12.76 6.68
C PHE B 243 -5.95 -13.06 7.45
N ASP B 244 -6.05 -14.24 8.06
CA ASP B 244 -7.23 -14.56 8.86
C ASP B 244 -7.32 -13.66 10.09
N SER B 245 -6.18 -13.45 10.76
CA SER B 245 -6.17 -12.56 11.92
C SER B 245 -6.51 -11.13 11.51
N LEU B 246 -5.99 -10.67 10.38
CA LEU B 246 -6.38 -9.37 9.87
C LEU B 246 -7.87 -9.33 9.56
N ASN B 247 -8.43 -10.42 9.06
CA ASN B 247 -9.85 -10.47 8.76
C ASN B 247 -10.69 -10.32 10.02
N GLU B 248 -10.33 -11.03 11.09
CA GLU B 248 -11.06 -10.88 12.35
C GLU B 248 -10.89 -9.48 12.93
N ALA B 249 -9.68 -8.90 12.78
CA ALA B 249 -9.46 -7.54 13.24
C ALA B 249 -10.38 -6.57 12.51
N ILE B 250 -10.52 -6.73 11.19
CA ILE B 250 -11.43 -5.87 10.43
C ILE B 250 -12.88 -6.15 10.82
N MET B 251 -13.21 -7.41 11.10
CA MET B 251 -14.56 -7.73 11.56
C MET B 251 -14.93 -6.92 12.80
N ARG B 252 -14.07 -6.96 13.82
CA ARG B 252 -14.40 -6.23 15.04
C ARG B 252 -14.18 -4.73 14.88
N LEU B 253 -13.38 -4.31 13.91
CA LEU B 253 -13.30 -2.88 13.59
C LEU B 253 -14.63 -2.37 13.05
N VAL B 254 -15.24 -3.14 12.15
CA VAL B 254 -16.57 -2.80 11.65
C VAL B 254 -17.59 -2.86 12.78
N ALA B 255 -17.48 -3.88 13.63
CA ALA B 255 -18.46 -4.06 14.70
C ALA B 255 -18.43 -2.90 15.70
N VAL B 256 -17.23 -2.50 16.14
CA VAL B 256 -17.14 -1.48 17.18
C VAL B 256 -17.55 -0.11 16.64
N ILE B 257 -17.21 0.19 15.38
CA ILE B 257 -17.51 1.49 14.82
C ILE B 257 -18.99 1.63 14.45
N MET B 258 -19.72 0.52 14.39
CA MET B 258 -21.12 0.57 14.01
C MET B 258 -22.01 1.09 15.13
N TRP B 259 -21.50 1.13 16.37
CA TRP B 259 -22.28 1.69 17.47
C TRP B 259 -22.53 3.19 17.30
N TYR B 260 -21.75 3.86 16.45
CA TYR B 260 -21.97 5.26 16.13
C TYR B 260 -23.04 5.46 15.07
N ALA B 261 -23.49 4.39 14.42
CA ALA B 261 -24.45 4.52 13.33
C ALA B 261 -25.74 5.24 13.70
N PRO B 262 -26.38 5.00 14.88
CA PRO B 262 -27.65 5.69 15.15
C PRO B 262 -27.61 7.20 15.00
N VAL B 263 -26.70 7.86 15.73
CA VAL B 263 -26.65 9.32 15.70
C VAL B 263 -26.23 9.82 14.32
N GLY B 264 -25.33 9.09 13.65
CA GLY B 264 -24.90 9.50 12.33
C GLY B 264 -26.04 9.48 11.33
N ILE B 265 -26.83 8.40 11.33
CA ILE B 265 -27.98 8.32 10.44
C ILE B 265 -29.02 9.35 10.83
N LEU B 266 -29.20 9.59 12.13
CA LEU B 266 -30.09 10.65 12.59
C LEU B 266 -29.74 11.99 11.95
N PHE B 267 -28.47 12.38 12.05
CA PHE B 267 -28.06 13.67 11.54
C PHE B 267 -28.05 13.70 10.02
N LEU B 268 -27.71 12.58 9.36
CA LEU B 268 -27.75 12.55 7.91
C LEU B 268 -29.17 12.73 7.39
N ILE B 269 -30.13 12.04 8.00
CA ILE B 269 -31.53 12.20 7.60
C ILE B 269 -31.98 13.64 7.84
N ALA B 270 -31.66 14.18 9.02
CA ALA B 270 -32.10 15.54 9.34
C ALA B 270 -31.52 16.55 8.38
N GLY B 271 -30.23 16.41 8.04
CA GLY B 271 -29.61 17.35 7.11
C GLY B 271 -30.14 17.22 5.69
N LYS B 272 -30.34 15.99 5.23
CA LYS B 272 -30.75 15.80 3.84
C LYS B 272 -32.21 16.13 3.60
N ILE B 273 -33.08 15.93 4.60
CA ILE B 273 -34.49 16.22 4.39
C ILE B 273 -34.73 17.71 4.16
N VAL B 274 -34.06 18.57 4.95
CA VAL B 274 -34.35 20.00 4.90
C VAL B 274 -33.83 20.68 3.64
N GLU B 275 -32.79 20.14 3.00
CA GLU B 275 -32.24 20.77 1.82
C GLU B 275 -32.87 20.27 0.53
N MET B 276 -33.61 19.17 0.58
CA MET B 276 -34.19 18.57 -0.60
C MET B 276 -35.61 19.08 -0.78
N GLU B 277 -35.89 19.64 -1.96
CA GLU B 277 -37.18 20.26 -2.25
C GLU B 277 -38.04 19.34 -3.11
N ASP B 278 -39.35 19.60 -3.10
CA ASP B 278 -40.36 18.78 -3.77
C ASP B 278 -40.33 17.35 -3.23
N MET B 279 -40.71 17.24 -1.95
CA MET B 279 -40.69 15.96 -1.27
C MET B 279 -41.64 14.95 -1.92
N GLY B 280 -42.65 15.43 -2.63
CA GLY B 280 -43.63 14.52 -3.22
C GLY B 280 -43.02 13.58 -4.24
N VAL B 281 -42.21 14.12 -5.15
CA VAL B 281 -41.64 13.29 -6.21
C VAL B 281 -40.64 12.29 -5.63
N ILE B 282 -39.84 12.72 -4.64
CA ILE B 282 -38.89 11.80 -4.04
C ILE B 282 -39.60 10.72 -3.24
N GLY B 283 -40.73 11.06 -2.60
CA GLY B 283 -41.52 10.05 -1.92
C GLY B 283 -42.11 9.04 -2.89
N GLY B 284 -42.62 9.52 -4.02
CA GLY B 284 -43.09 8.61 -5.05
C GLY B 284 -41.99 7.71 -5.58
N GLN B 285 -40.79 8.28 -5.78
CA GLN B 285 -39.67 7.48 -6.28
C GLN B 285 -39.26 6.41 -5.27
N LEU B 286 -39.21 6.75 -3.98
CA LEU B 286 -38.85 5.76 -2.98
C LEU B 286 -39.92 4.69 -2.84
N ALA B 287 -41.19 5.07 -2.96
CA ALA B 287 -42.26 4.07 -2.95
C ALA B 287 -42.14 3.13 -4.15
N MET B 288 -41.81 3.67 -5.32
CA MET B 288 -41.60 2.84 -6.49
C MET B 288 -40.42 1.90 -6.30
N TYR B 289 -39.33 2.40 -5.69
CA TYR B 289 -38.21 1.52 -5.36
C TYR B 289 -38.63 0.40 -4.42
N THR B 290 -39.41 0.73 -3.39
CA THR B 290 -39.84 -0.28 -2.43
C THR B 290 -40.67 -1.36 -3.14
N VAL B 291 -41.62 -0.94 -3.98
CA VAL B 291 -42.45 -1.89 -4.70
C VAL B 291 -41.59 -2.74 -5.62
N THR B 292 -40.66 -2.11 -6.34
CA THR B 292 -39.81 -2.84 -7.28
C THR B 292 -38.99 -3.90 -6.56
N VAL B 293 -38.32 -3.52 -5.47
CA VAL B 293 -37.44 -4.47 -4.79
C VAL B 293 -38.25 -5.59 -4.16
N ILE B 294 -39.39 -5.28 -3.54
CA ILE B 294 -40.15 -6.32 -2.86
C ILE B 294 -40.72 -7.30 -3.89
N VAL B 295 -41.25 -6.78 -5.00
CA VAL B 295 -41.83 -7.64 -6.03
C VAL B 295 -40.75 -8.50 -6.67
N GLY B 296 -39.60 -7.90 -7.00
CA GLY B 296 -38.52 -8.67 -7.60
C GLY B 296 -38.01 -9.75 -6.69
N LEU B 297 -37.84 -9.45 -5.40
CA LEU B 297 -37.36 -10.45 -4.47
C LEU B 297 -38.33 -11.61 -4.33
N LEU B 298 -39.63 -11.30 -4.19
CA LEU B 298 -40.62 -12.38 -4.08
C LEU B 298 -40.70 -13.21 -5.36
N ILE B 299 -40.64 -12.58 -6.52
CA ILE B 299 -40.78 -13.37 -7.75
C ILE B 299 -39.54 -14.23 -7.96
N HIS B 300 -38.35 -13.69 -7.68
CA HIS B 300 -37.15 -14.52 -7.77
C HIS B 300 -37.17 -15.64 -6.74
N ALA B 301 -37.85 -15.43 -5.61
CA ALA B 301 -37.93 -16.48 -4.60
C ALA B 301 -38.90 -17.58 -5.01
N VAL B 302 -40.04 -17.24 -5.61
CA VAL B 302 -41.12 -18.20 -5.72
C VAL B 302 -41.49 -18.54 -7.16
N ILE B 303 -40.68 -18.13 -8.15
CA ILE B 303 -40.90 -18.65 -9.49
C ILE B 303 -39.65 -19.33 -10.04
N VAL B 304 -38.56 -18.57 -10.20
CA VAL B 304 -37.39 -19.12 -10.88
C VAL B 304 -36.72 -20.18 -10.01
N LEU B 305 -36.57 -19.92 -8.71
CA LEU B 305 -35.96 -20.90 -7.82
C LEU B 305 -36.77 -22.18 -7.72
N PRO B 306 -38.09 -22.15 -7.48
CA PRO B 306 -38.84 -23.43 -7.50
C PRO B 306 -38.80 -24.12 -8.85
N LEU B 307 -38.79 -23.36 -9.94
CA LEU B 307 -38.74 -23.97 -11.28
C LEU B 307 -37.44 -24.73 -11.47
N LEU B 308 -36.32 -24.11 -11.14
CA LEU B 308 -35.03 -24.80 -11.28
C LEU B 308 -34.89 -25.94 -10.29
N TYR B 309 -35.49 -25.82 -9.11
CA TYR B 309 -35.49 -26.95 -8.17
C TYR B 309 -36.27 -28.13 -8.73
N PHE B 310 -37.44 -27.87 -9.34
CA PHE B 310 -38.24 -28.94 -9.90
C PHE B 310 -37.61 -29.52 -11.17
N LEU B 311 -36.81 -28.72 -11.87
CA LEU B 311 -36.20 -29.19 -13.11
C LEU B 311 -35.24 -30.35 -12.85
N VAL B 312 -34.47 -30.28 -11.77
CA VAL B 312 -33.45 -31.28 -11.47
C VAL B 312 -33.91 -32.24 -10.38
N THR B 313 -34.35 -31.71 -9.23
CA THR B 313 -34.72 -32.56 -8.11
C THR B 313 -35.96 -33.40 -8.43
N ARG B 314 -36.87 -32.87 -9.23
CA ARG B 314 -38.11 -33.56 -9.59
C ARG B 314 -38.95 -33.90 -8.37
N LYS B 315 -38.92 -33.05 -7.35
CA LYS B 315 -39.68 -33.22 -6.13
C LYS B 315 -40.58 -32.02 -5.89
N ASN B 316 -41.35 -32.07 -4.80
CA ASN B 316 -42.27 -31.00 -4.47
C ASN B 316 -41.60 -30.02 -3.52
N PRO B 317 -41.36 -28.76 -3.93
CA PRO B 317 -40.74 -27.80 -3.01
C PRO B 317 -41.66 -27.35 -1.89
N TRP B 318 -42.97 -27.58 -2.00
CA TRP B 318 -43.89 -27.17 -0.94
C TRP B 318 -43.63 -27.93 0.35
N VAL B 319 -43.33 -29.24 0.24
CA VAL B 319 -42.96 -30.02 1.41
C VAL B 319 -41.66 -29.50 2.01
N PHE B 320 -40.74 -29.06 1.16
CA PHE B 320 -39.50 -28.46 1.63
C PHE B 320 -39.78 -27.20 2.44
N ILE B 321 -40.70 -26.36 1.97
CA ILE B 321 -41.06 -25.14 2.69
C ILE B 321 -41.70 -25.50 4.03
N GLY B 322 -42.58 -26.50 4.03
CA GLY B 322 -43.19 -26.94 5.28
C GLY B 322 -42.16 -27.45 6.27
N GLY B 323 -41.15 -28.16 5.78
CA GLY B 323 -40.09 -28.63 6.67
C GLY B 323 -39.24 -27.50 7.22
N LEU B 324 -38.93 -26.51 6.37
CA LEU B 324 -37.98 -25.46 6.74
C LEU B 324 -38.63 -24.20 7.29
N LEU B 325 -39.95 -24.17 7.45
CA LEU B 325 -40.61 -22.94 7.91
C LEU B 325 -40.09 -22.49 9.27
N GLN B 326 -39.71 -23.41 10.15
CA GLN B 326 -39.17 -23.01 11.45
C GLN B 326 -37.87 -22.22 11.28
N ALA B 327 -36.96 -22.74 10.46
CA ALA B 327 -35.73 -22.02 10.18
C ALA B 327 -36.00 -20.69 9.49
N LEU B 328 -36.99 -20.66 8.61
CA LEU B 328 -37.33 -19.41 7.93
C LEU B 328 -37.84 -18.37 8.92
N ILE B 329 -38.66 -18.79 9.88
CA ILE B 329 -39.16 -17.87 10.90
C ILE B 329 -38.02 -17.38 11.77
N THR B 330 -37.11 -18.28 12.15
CA THR B 330 -35.96 -17.85 12.95
C THR B 330 -35.09 -16.85 12.20
N ALA B 331 -34.86 -17.09 10.90
CA ALA B 331 -34.08 -16.15 10.10
C ALA B 331 -34.79 -14.81 9.97
N LEU B 332 -36.11 -14.83 9.80
CA LEU B 332 -36.87 -13.59 9.71
C LEU B 332 -36.78 -12.80 11.02
N GLY B 333 -36.86 -13.50 12.15
CA GLY B 333 -36.80 -12.84 13.44
C GLY B 333 -35.44 -12.29 13.79
N THR B 334 -34.42 -13.15 13.79
CA THR B 334 -33.09 -12.71 14.21
C THR B 334 -32.41 -11.87 13.14
N SER B 335 -32.76 -12.07 11.87
CA SER B 335 -32.15 -11.35 10.75
C SER B 335 -30.65 -11.54 10.71
N SER B 336 -30.19 -12.76 11.03
CA SER B 336 -28.77 -13.09 11.04
C SER B 336 -28.60 -14.51 10.50
N SER B 337 -27.93 -14.63 9.35
CA SER B 337 -27.72 -15.94 8.76
C SER B 337 -26.83 -16.82 9.65
N SER B 338 -25.79 -16.24 10.24
CA SER B 338 -24.88 -17.01 11.08
C SER B 338 -25.59 -17.50 12.35
N ALA B 339 -26.44 -16.65 12.93
CA ALA B 339 -27.13 -17.03 14.16
C ALA B 339 -28.07 -18.21 13.95
N THR B 340 -28.78 -18.22 12.82
CA THR B 340 -29.73 -19.27 12.50
C THR B 340 -29.09 -20.45 11.75
N LEU B 341 -27.78 -20.43 11.59
CA LEU B 341 -27.11 -21.52 10.87
C LEU B 341 -27.28 -22.88 11.54
N PRO B 342 -27.03 -23.04 12.85
CA PRO B 342 -27.31 -24.35 13.47
C PRO B 342 -28.79 -24.71 13.42
N ILE B 343 -29.68 -23.72 13.47
CA ILE B 343 -31.11 -23.99 13.32
C ILE B 343 -31.38 -24.59 11.95
N THR B 344 -30.75 -24.04 10.91
CA THR B 344 -30.91 -24.60 9.57
C THR B 344 -30.37 -26.03 9.50
N PHE B 345 -29.20 -26.27 10.09
CA PHE B 345 -28.67 -27.63 10.12
C PHE B 345 -29.65 -28.59 10.78
N LYS B 346 -30.14 -28.25 11.97
CA LYS B 346 -31.03 -29.18 12.68
C LYS B 346 -32.35 -29.37 11.93
N CYS B 347 -32.86 -28.31 11.31
CA CYS B 347 -34.10 -28.41 10.56
C CYS B 347 -33.94 -29.34 9.36
N LEU B 348 -32.88 -29.15 8.59
CA LEU B 348 -32.66 -30.03 7.44
C LEU B 348 -32.34 -31.45 7.88
N GLU B 349 -31.75 -31.62 9.07
CA GLU B 349 -31.39 -32.94 9.55
C GLU B 349 -32.62 -33.73 9.99
N GLU B 350 -33.54 -33.10 10.72
CA GLU B 350 -34.64 -33.84 11.34
C GLU B 350 -35.95 -33.73 10.57
N ASN B 351 -36.24 -32.58 9.97
CA ASN B 351 -37.55 -32.39 9.35
C ASN B 351 -37.51 -32.57 7.83
N ASN B 352 -36.49 -32.04 7.17
CA ASN B 352 -36.42 -32.10 5.71
C ASN B 352 -35.96 -33.44 5.18
N GLY B 353 -35.44 -34.32 6.03
CA GLY B 353 -34.98 -35.62 5.59
C GLY B 353 -33.81 -35.55 4.63
N VAL B 354 -32.81 -34.73 4.96
CA VAL B 354 -31.63 -34.53 4.14
C VAL B 354 -30.46 -35.28 4.75
N ASP B 355 -29.73 -36.00 3.90
CA ASP B 355 -28.54 -36.72 4.37
C ASP B 355 -27.51 -35.74 4.91
N LYS B 356 -26.96 -36.06 6.08
CA LYS B 356 -26.11 -35.11 6.79
C LYS B 356 -24.70 -35.08 6.23
N ARG B 357 -24.31 -36.06 5.43
CA ARG B 357 -22.92 -36.21 5.02
C ARG B 357 -22.44 -35.00 4.21
N VAL B 358 -23.29 -34.50 3.31
CA VAL B 358 -22.86 -33.43 2.41
C VAL B 358 -22.87 -32.07 3.11
N THR B 359 -23.54 -31.98 4.25
CA THR B 359 -23.94 -30.68 4.80
C THR B 359 -22.82 -29.90 5.47
N ARG B 360 -21.70 -30.52 5.87
CA ARG B 360 -20.68 -29.76 6.57
C ARG B 360 -19.88 -28.85 5.65
N PHE B 361 -19.82 -29.15 4.35
CA PHE B 361 -18.90 -28.42 3.47
C PHE B 361 -19.59 -27.59 2.41
N VAL B 362 -20.77 -27.98 1.92
CA VAL B 362 -21.42 -27.17 0.88
C VAL B 362 -21.94 -25.86 1.45
N LEU B 363 -22.56 -25.89 2.62
CA LEU B 363 -23.17 -24.69 3.17
C LEU B 363 -22.16 -23.60 3.54
N PRO B 364 -21.07 -23.89 4.27
CA PRO B 364 -20.18 -22.78 4.66
C PRO B 364 -19.47 -22.13 3.50
N VAL B 365 -18.95 -22.91 2.54
CA VAL B 365 -18.28 -22.30 1.39
C VAL B 365 -19.28 -21.52 0.54
N GLY B 366 -20.53 -21.99 0.45
CA GLY B 366 -21.54 -21.25 -0.28
C GLY B 366 -21.90 -19.94 0.38
N ALA B 367 -21.96 -19.93 1.71
CA ALA B 367 -22.26 -18.69 2.43
C ALA B 367 -21.16 -17.65 2.23
N THR B 368 -19.90 -18.09 2.24
CA THR B 368 -18.79 -17.16 2.07
C THR B 368 -18.69 -16.65 0.64
N ILE B 369 -18.90 -17.52 -0.34
CA ILE B 369 -18.77 -17.13 -1.74
C ILE B 369 -19.96 -16.27 -2.17
N GLY B 373 -28.88 -13.52 -3.44
CA GLY B 373 -29.86 -12.45 -3.55
C GLY B 373 -29.28 -11.08 -3.28
N THR B 374 -28.08 -11.06 -2.69
CA THR B 374 -27.42 -9.79 -2.38
C THR B 374 -27.07 -9.03 -3.66
N ALA B 375 -26.59 -9.74 -4.68
CA ALA B 375 -26.22 -9.09 -5.94
C ALA B 375 -27.42 -8.42 -6.59
N LEU B 376 -28.60 -9.06 -6.50
CA LEU B 376 -29.81 -8.47 -7.05
C LEU B 376 -30.13 -7.14 -6.37
N TYR B 377 -30.05 -7.10 -5.04
CA TYR B 377 -30.34 -5.86 -4.32
C TYR B 377 -29.30 -4.79 -4.61
N GLU B 378 -28.03 -5.19 -4.72
CA GLU B 378 -26.99 -4.23 -5.12
C GLU B 378 -27.29 -3.63 -6.49
N ALA B 379 -27.66 -4.48 -7.46
CA ALA B 379 -27.96 -3.98 -8.79
C ALA B 379 -29.18 -3.06 -8.78
N LEU B 380 -30.20 -3.43 -8.02
CA LEU B 380 -31.39 -2.57 -7.92
C LEU B 380 -31.02 -1.19 -7.38
N ALA B 381 -30.27 -1.16 -6.28
CA ALA B 381 -29.89 0.11 -5.68
C ALA B 381 -29.03 0.93 -6.62
N ALA B 382 -28.07 0.29 -7.29
CA ALA B 382 -27.17 1.01 -8.18
C ALA B 382 -27.92 1.59 -9.38
N ILE B 383 -28.82 0.79 -9.98
CA ILE B 383 -29.55 1.28 -11.14
C ILE B 383 -30.51 2.39 -10.74
N PHE B 384 -31.10 2.31 -9.55
CA PHE B 384 -31.98 3.38 -9.09
C PHE B 384 -31.19 4.66 -8.84
N ILE B 385 -30.01 4.55 -8.22
CA ILE B 385 -29.18 5.73 -7.98
C ILE B 385 -28.77 6.35 -9.30
N ALA B 386 -28.42 5.53 -10.28
CA ALA B 386 -28.09 6.05 -11.61
C ALA B 386 -29.28 6.75 -12.24
N GLN B 387 -30.48 6.20 -12.05
CA GLN B 387 -31.67 6.77 -12.68
C GLN B 387 -32.13 8.05 -11.99
N VAL B 388 -31.86 8.20 -10.69
CA VAL B 388 -32.40 9.33 -9.94
C VAL B 388 -31.78 10.65 -10.41
N ASN B 389 -30.47 10.69 -10.61
CA ASN B 389 -29.77 11.93 -10.89
C ASN B 389 -29.80 12.34 -12.35
N ASN B 390 -30.79 11.85 -13.11
CA ASN B 390 -31.01 12.24 -14.51
C ASN B 390 -29.85 11.84 -15.41
N PHE B 391 -29.21 10.71 -15.13
CA PHE B 391 -28.19 10.19 -16.02
C PHE B 391 -28.85 9.64 -17.29
N GLU B 392 -28.05 9.49 -18.34
CA GLU B 392 -28.61 9.10 -19.64
C GLU B 392 -29.06 7.64 -19.63
N LEU B 393 -28.37 6.78 -18.89
CA LEU B 393 -28.73 5.37 -18.74
C LEU B 393 -28.75 4.65 -20.09
N ASN B 394 -27.58 4.51 -20.70
CA ASN B 394 -27.48 3.79 -21.95
C ASN B 394 -27.59 2.28 -21.71
N PHE B 395 -27.88 1.55 -22.79
CA PHE B 395 -28.00 0.10 -22.73
C PHE B 395 -26.66 -0.61 -22.59
N GLY B 396 -25.55 0.12 -22.66
CA GLY B 396 -24.25 -0.49 -22.52
C GLY B 396 -23.70 -0.44 -21.11
N GLN B 397 -24.05 0.61 -20.36
CA GLN B 397 -23.56 0.72 -18.99
C GLN B 397 -24.39 -0.10 -18.01
N ILE B 398 -25.57 -0.59 -18.41
CA ILE B 398 -26.38 -1.38 -17.50
C ILE B 398 -25.69 -2.70 -17.18
N ILE B 399 -25.10 -3.36 -18.19
CA ILE B 399 -24.37 -4.58 -17.92
C ILE B 399 -23.14 -4.30 -17.07
N THR B 400 -22.50 -3.15 -17.28
CA THR B 400 -21.32 -2.81 -16.48
C THR B 400 -21.69 -2.62 -15.01
N ILE B 401 -22.78 -1.89 -14.74
CA ILE B 401 -23.18 -1.69 -13.36
C ILE B 401 -23.70 -2.99 -12.75
N SER B 402 -24.31 -3.86 -13.55
CA SER B 402 -24.74 -5.16 -13.04
C SER B 402 -23.54 -6.01 -12.63
N ILE B 403 -22.50 -6.05 -13.46
CA ILE B 403 -21.30 -6.80 -13.13
C ILE B 403 -20.61 -6.20 -11.90
N THR B 404 -20.56 -4.87 -11.83
CA THR B 404 -19.97 -4.21 -10.67
C THR B 404 -20.72 -4.58 -9.40
N ALA B 405 -22.06 -4.56 -9.45
CA ALA B 405 -22.86 -4.91 -8.28
C ALA B 405 -22.66 -6.36 -7.88
N THR B 406 -22.65 -7.28 -8.85
CA THR B 406 -22.52 -8.70 -8.50
C THR B 406 -21.12 -9.02 -8.00
N ALA B 407 -20.11 -8.28 -8.44
CA ALA B 407 -18.77 -8.46 -7.90
C ALA B 407 -18.63 -7.82 -6.52
N ALA B 408 -19.37 -6.73 -6.28
CA ALA B 408 -19.27 -6.02 -5.01
C ALA B 408 -19.80 -6.85 -3.85
N SER B 409 -20.88 -7.60 -4.08
CA SER B 409 -21.59 -8.30 -3.02
C SER B 409 -20.96 -9.64 -2.66
N ILE B 410 -19.93 -10.08 -3.39
CA ILE B 410 -19.34 -11.38 -3.11
C ILE B 410 -18.69 -11.40 -1.73
N GLY B 411 -17.90 -10.37 -1.42
CA GLY B 411 -17.22 -10.30 -0.15
C GLY B 411 -17.67 -9.13 0.70
N ALA B 412 -18.98 -8.89 0.74
CA ALA B 412 -19.53 -7.71 1.39
C ALA B 412 -19.18 -7.63 2.87
N ALA B 413 -19.70 -8.57 3.67
CA ALA B 413 -19.50 -8.59 5.11
C ALA B 413 -20.18 -9.82 5.67
N GLY B 414 -19.95 -10.08 6.95
CA GLY B 414 -20.63 -11.13 7.66
C GLY B 414 -21.57 -10.59 8.73
N ILE B 415 -21.73 -9.27 8.74
CA ILE B 415 -22.59 -8.59 9.71
C ILE B 415 -24.04 -8.68 9.25
N PRO B 416 -25.02 -8.64 10.16
CA PRO B 416 -26.43 -8.70 9.74
C PRO B 416 -26.86 -7.46 8.97
N GLN B 417 -26.56 -6.28 9.50
CA GLN B 417 -26.93 -5.02 8.86
C GLN B 417 -25.77 -4.55 8.00
N ALA B 418 -25.67 -5.17 6.81
CA ALA B 418 -24.60 -4.86 5.87
C ALA B 418 -25.08 -3.97 4.72
N GLY B 419 -26.26 -3.37 4.84
CA GLY B 419 -26.77 -2.53 3.76
C GLY B 419 -25.91 -1.30 3.53
N LEU B 420 -25.53 -0.60 4.61
CA LEU B 420 -24.77 0.63 4.46
C LEU B 420 -23.42 0.37 3.82
N VAL B 421 -22.71 -0.66 4.29
CA VAL B 421 -21.38 -0.94 3.76
C VAL B 421 -21.47 -1.38 2.30
N THR B 422 -22.49 -2.18 1.95
CA THR B 422 -22.65 -2.59 0.56
C THR B 422 -22.94 -1.39 -0.34
N MET B 423 -23.77 -0.46 0.13
CA MET B 423 -24.06 0.74 -0.66
C MET B 423 -22.81 1.58 -0.83
N VAL B 424 -21.99 1.68 0.22
CA VAL B 424 -20.70 2.36 0.08
C VAL B 424 -19.85 1.66 -0.97
N ILE B 425 -19.83 0.33 -0.95
CA ILE B 425 -19.03 -0.43 -1.90
C ILE B 425 -19.44 -0.10 -3.33
N VAL B 426 -20.74 -0.18 -3.60
CA VAL B 426 -21.21 -0.01 -4.98
C VAL B 426 -21.05 1.44 -5.43
N LEU B 427 -21.32 2.40 -4.54
CA LEU B 427 -21.21 3.79 -4.94
C LEU B 427 -19.76 4.22 -5.14
N THR B 428 -18.83 3.64 -4.38
CA THR B 428 -17.42 3.92 -4.62
C THR B 428 -16.91 3.22 -5.87
N SER B 429 -17.44 2.01 -6.16
CA SER B 429 -16.99 1.30 -7.35
C SER B 429 -17.54 1.91 -8.63
N VAL B 430 -18.70 2.55 -8.57
CA VAL B 430 -19.28 3.18 -9.76
C VAL B 430 -18.89 4.66 -9.88
N GLY B 431 -18.52 5.31 -8.79
CA GLY B 431 -18.09 6.69 -8.83
C GLY B 431 -19.20 7.73 -8.66
N LEU B 432 -20.46 7.30 -8.58
CA LEU B 432 -21.55 8.24 -8.40
C LEU B 432 -21.54 8.81 -6.99
N PRO B 433 -22.13 9.99 -6.79
CA PRO B 433 -22.16 10.59 -5.45
C PRO B 433 -22.84 9.68 -4.44
N THR B 434 -22.33 9.70 -3.21
CA THR B 434 -22.80 8.84 -2.14
C THR B 434 -23.74 9.56 -1.17
N ASP B 435 -24.36 10.66 -1.60
CA ASP B 435 -25.26 11.41 -0.73
C ASP B 435 -26.67 10.81 -0.67
N ASP B 436 -27.02 9.90 -1.57
CA ASP B 436 -28.36 9.34 -1.65
C ASP B 436 -28.53 8.09 -0.81
N ILE B 437 -27.74 7.95 0.26
CA ILE B 437 -27.86 6.77 1.12
C ILE B 437 -29.17 6.78 1.90
N THR B 438 -29.62 7.96 2.33
CA THR B 438 -30.73 8.05 3.28
C THR B 438 -32.01 7.44 2.69
N LEU B 439 -32.32 7.76 1.43
CA LEU B 439 -33.56 7.30 0.83
C LEU B 439 -33.59 5.78 0.74
N ILE B 440 -32.44 5.15 0.45
CA ILE B 440 -32.41 3.72 0.23
C ILE B 440 -32.20 2.96 1.53
N ILE B 441 -31.76 3.65 2.59
CA ILE B 441 -31.65 3.00 3.90
C ILE B 441 -32.81 3.32 4.82
N ALA B 442 -33.75 4.17 4.39
CA ALA B 442 -34.91 4.46 5.23
C ALA B 442 -35.83 3.27 5.40
N VAL B 443 -35.67 2.23 4.57
CA VAL B 443 -36.50 1.04 4.63
C VAL B 443 -35.68 -0.23 4.66
N ASP B 444 -34.35 -0.13 4.77
CA ASP B 444 -33.48 -1.29 4.66
C ASP B 444 -33.62 -2.27 5.82
N TRP B 445 -34.30 -1.89 6.91
CA TRP B 445 -34.47 -2.81 8.03
C TRP B 445 -35.32 -4.02 7.63
N PHE B 446 -36.40 -3.79 6.88
CA PHE B 446 -37.25 -4.87 6.39
C PHE B 446 -36.62 -5.58 5.20
N LEU B 447 -35.92 -4.83 4.35
CA LEU B 447 -35.18 -5.43 3.24
C LEU B 447 -34.09 -6.37 3.74
N ASP B 448 -33.55 -6.11 4.94
CA ASP B 448 -32.54 -7.00 5.50
C ASP B 448 -33.15 -8.34 5.90
N ARG B 449 -34.34 -8.32 6.50
CA ARG B 449 -35.03 -9.56 6.81
C ARG B 449 -35.37 -10.32 5.52
N LEU B 450 -35.81 -9.61 4.49
CA LEU B 450 -36.06 -10.26 3.21
C LEU B 450 -34.76 -10.84 2.63
N ARG B 451 -33.66 -10.11 2.76
CA ARG B 451 -32.37 -10.60 2.27
C ARG B 451 -31.96 -11.88 2.98
N THR B 452 -32.08 -11.90 4.31
CA THR B 452 -31.63 -13.09 5.03
C THR B 452 -32.54 -14.28 4.80
N THR B 453 -33.86 -14.04 4.64
CA THR B 453 -34.74 -15.17 4.35
C THR B 453 -34.49 -15.71 2.94
N THR B 454 -34.23 -14.83 1.97
CA THR B 454 -33.88 -15.31 0.64
C THR B 454 -32.55 -16.07 0.68
N ASN B 455 -31.60 -15.59 1.49
CA ASN B 455 -30.32 -16.29 1.62
C ASN B 455 -30.50 -17.68 2.20
N VAL B 456 -31.34 -17.83 3.23
CA VAL B 456 -31.51 -19.14 3.83
C VAL B 456 -32.27 -20.08 2.89
N LEU B 457 -33.27 -19.57 2.17
CA LEU B 457 -33.92 -20.38 1.13
C LEU B 457 -32.90 -20.86 0.10
N GLY B 458 -32.07 -19.94 -0.40
CA GLY B 458 -31.10 -20.32 -1.42
C GLY B 458 -30.09 -21.32 -0.91
N ASP B 459 -29.59 -21.12 0.30
CA ASP B 459 -28.60 -22.04 0.88
C ASP B 459 -29.21 -23.43 1.10
N SER B 460 -30.42 -23.49 1.65
CA SER B 460 -31.06 -24.79 1.89
C SER B 460 -31.35 -25.51 0.58
N LEU B 461 -31.82 -24.77 -0.44
CA LEU B 461 -32.10 -25.42 -1.72
C LEU B 461 -30.81 -25.87 -2.41
N GLY B 462 -29.73 -25.11 -2.26
CA GLY B 462 -28.44 -25.55 -2.78
C GLY B 462 -27.95 -26.80 -2.08
N ALA B 463 -28.12 -26.86 -0.75
CA ALA B 463 -27.76 -28.07 -0.03
C ALA B 463 -28.58 -29.26 -0.52
N GLY B 464 -29.88 -29.06 -0.75
CA GLY B 464 -30.70 -30.13 -1.28
C GLY B 464 -30.27 -30.58 -2.66
N ILE B 465 -29.96 -29.63 -3.54
CA ILE B 465 -29.59 -29.99 -4.91
C ILE B 465 -28.24 -30.68 -4.96
N VAL B 466 -27.31 -30.30 -4.08
CA VAL B 466 -26.03 -31.00 -4.06
C VAL B 466 -26.16 -32.34 -3.36
N GLU B 467 -27.13 -32.49 -2.46
CA GLU B 467 -27.43 -33.81 -1.92
C GLU B 467 -27.99 -34.73 -3.01
N HIS B 468 -28.85 -34.19 -3.88
CA HIS B 468 -29.38 -34.99 -4.98
C HIS B 468 -28.27 -35.44 -5.93
N LEU B 469 -27.34 -34.54 -6.23
CA LEU B 469 -26.22 -34.88 -7.11
C LEU B 469 -25.19 -35.74 -6.38
N ALA C 1 25.04 -41.03 -37.07
CA ALA C 1 24.22 -40.06 -36.34
C ALA C 1 22.79 -40.06 -36.87
N LYS C 2 22.65 -39.98 -38.20
CA LYS C 2 21.32 -39.97 -38.82
C LYS C 2 20.61 -41.31 -38.68
N LYS C 3 21.35 -42.39 -38.48
CA LYS C 3 20.71 -43.68 -38.26
C LYS C 3 20.06 -43.77 -36.89
N LYS C 4 20.67 -43.14 -35.88
CA LYS C 4 20.10 -43.19 -34.54
C LYS C 4 18.74 -42.49 -34.49
N VAL C 5 18.63 -41.32 -35.13
CA VAL C 5 17.35 -40.63 -35.16
C VAL C 5 16.34 -41.40 -36.02
N GLN C 6 16.82 -42.17 -36.99
CA GLN C 6 15.93 -43.01 -37.79
C GLN C 6 15.45 -44.23 -37.00
N ASN C 7 16.18 -44.64 -35.97
CA ASN C 7 15.74 -45.73 -35.10
C ASN C 7 14.91 -45.24 -33.93
N ILE C 8 15.08 -43.98 -33.52
CA ILE C 8 14.31 -43.41 -32.42
C ILE C 8 13.08 -42.67 -32.89
N THR C 9 12.80 -42.68 -34.19
CA THR C 9 11.67 -41.95 -34.78
C THR C 9 10.31 -42.59 -34.47
N LYS C 10 10.23 -43.57 -33.58
CA LYS C 10 8.96 -44.19 -33.23
C LYS C 10 8.01 -43.16 -32.65
N GLU C 11 6.71 -43.45 -32.76
CA GLU C 11 5.68 -42.48 -32.39
C GLU C 11 5.55 -42.34 -30.88
N ASP C 12 6.60 -41.83 -30.24
CA ASP C 12 6.57 -41.48 -28.82
C ASP C 12 7.16 -40.07 -28.71
N VAL C 13 6.32 -39.07 -28.91
CA VAL C 13 6.77 -37.68 -28.89
C VAL C 13 5.82 -36.87 -28.00
N LYS C 14 4.73 -37.49 -27.57
CA LYS C 14 3.73 -36.78 -26.78
C LYS C 14 4.32 -36.31 -25.45
N SER C 15 5.15 -37.14 -24.81
CA SER C 15 5.80 -36.72 -23.58
C SER C 15 6.74 -35.55 -23.81
N TYR C 16 7.54 -35.62 -24.88
CA TYR C 16 8.44 -34.51 -25.21
C TYR C 16 7.64 -33.27 -25.60
N LEU C 17 6.54 -33.46 -26.32
CA LEU C 17 5.69 -32.33 -26.69
C LEU C 17 5.11 -31.64 -25.46
N PHE C 18 4.65 -32.42 -24.49
CA PHE C 18 4.07 -31.84 -23.28
C PHE C 18 5.12 -31.19 -22.41
N ARG C 19 6.33 -31.78 -22.35
CA ARG C 19 7.39 -31.21 -21.53
C ARG C 19 7.86 -29.86 -22.06
N ASN C 20 7.92 -29.69 -23.37
CA ASN C 20 8.37 -28.46 -24.01
C ASN C 20 7.25 -27.81 -24.80
N ALA C 21 6.06 -27.78 -24.21
CA ALA C 21 4.89 -27.26 -24.92
C ALA C 21 4.94 -25.75 -25.05
N PHE C 22 5.46 -25.04 -24.04
CA PHE C 22 5.38 -23.59 -24.02
C PHE C 22 6.13 -22.97 -25.20
N VAL C 23 7.36 -23.45 -25.45
CA VAL C 23 8.17 -22.86 -26.51
C VAL C 23 7.53 -23.10 -27.88
N LEU C 24 7.05 -24.32 -28.13
CA LEU C 24 6.42 -24.62 -29.41
C LEU C 24 5.15 -23.80 -29.60
N LEU C 25 4.33 -23.69 -28.55
CA LEU C 25 3.10 -22.91 -28.65
C LEU C 25 3.39 -21.43 -28.91
N THR C 26 4.38 -20.86 -28.23
CA THR C 26 4.66 -19.44 -28.43
C THR C 26 5.28 -19.20 -29.81
N VAL C 27 6.11 -20.13 -30.30
CA VAL C 27 6.67 -20.00 -31.64
C VAL C 27 5.56 -20.07 -32.69
N THR C 28 4.65 -21.03 -32.53
CA THR C 28 3.52 -21.13 -33.45
C THR C 28 2.65 -19.88 -33.40
N ALA C 29 2.42 -19.34 -32.19
CA ALA C 29 1.62 -18.14 -32.07
C ALA C 29 2.28 -16.96 -32.78
N VAL C 30 3.60 -16.80 -32.62
CA VAL C 30 4.30 -15.71 -33.30
C VAL C 30 4.21 -15.88 -34.80
N ILE C 31 4.42 -17.10 -35.30
CA ILE C 31 4.39 -17.34 -36.74
C ILE C 31 3.00 -17.03 -37.30
N VAL C 32 1.96 -17.54 -36.64
CA VAL C 32 0.60 -17.32 -37.13
C VAL C 32 0.22 -15.86 -37.04
N GLY C 33 0.68 -15.16 -36.00
CA GLY C 33 0.41 -13.73 -35.90
C GLY C 33 1.06 -12.94 -37.01
N THR C 34 2.31 -13.26 -37.33
CA THR C 34 2.99 -12.59 -38.43
C THR C 34 2.26 -12.86 -39.74
N ILE C 35 1.85 -14.11 -39.97
CA ILE C 35 1.15 -14.45 -41.20
C ILE C 35 -0.17 -13.69 -41.29
N LEU C 36 -0.93 -13.65 -40.19
CA LEU C 36 -2.21 -12.97 -40.19
C LEU C 36 -2.04 -11.47 -40.39
N GLY C 37 -1.03 -10.87 -39.76
CA GLY C 37 -0.78 -9.45 -39.96
C GLY C 37 -0.38 -9.14 -41.39
N PHE C 38 0.42 -10.00 -42.00
CA PHE C 38 0.82 -9.78 -43.39
C PHE C 38 -0.37 -9.92 -44.33
N THR C 39 -1.23 -10.92 -44.10
CA THR C 39 -2.35 -11.15 -45.00
C THR C 39 -3.52 -10.20 -44.76
N LEU C 40 -3.57 -9.55 -43.60
CA LEU C 40 -4.62 -8.59 -43.30
C LEU C 40 -4.25 -7.15 -43.67
N ARG C 41 -3.01 -6.93 -44.11
CA ARG C 41 -2.59 -5.58 -44.50
C ARG C 41 -3.39 -5.01 -45.66
N PRO C 42 -3.65 -5.73 -46.76
CA PRO C 42 -4.43 -5.12 -47.85
C PRO C 42 -5.84 -4.71 -47.44
N TYR C 43 -6.45 -5.44 -46.51
CA TYR C 43 -7.81 -5.11 -46.07
C TYR C 43 -7.76 -3.87 -45.19
N ARG C 44 -8.09 -2.72 -45.78
CA ARG C 44 -8.11 -1.47 -45.02
C ARG C 44 -9.25 -1.49 -44.02
N MET C 45 -8.95 -1.07 -42.79
CA MET C 45 -9.91 -1.18 -41.70
C MET C 45 -9.54 -0.18 -40.61
N SER C 46 -10.57 0.26 -39.88
CA SER C 46 -10.50 1.51 -39.12
C SER C 46 -9.71 1.34 -37.82
N TYR C 47 -9.41 2.50 -37.20
CA TYR C 47 -8.65 2.52 -35.95
C TYR C 47 -9.44 1.89 -34.80
N ARG C 48 -10.74 2.19 -34.71
CA ARG C 48 -11.55 1.53 -33.69
C ARG C 48 -11.54 0.02 -33.89
N GLU C 49 -11.61 -0.42 -35.15
CA GLU C 49 -11.54 -1.84 -35.44
C GLU C 49 -10.19 -2.44 -35.04
N VAL C 50 -9.10 -1.72 -35.27
CA VAL C 50 -7.79 -2.28 -34.94
C VAL C 50 -7.61 -2.35 -33.43
N LYS C 51 -8.15 -1.36 -32.69
CA LYS C 51 -8.13 -1.46 -31.23
C LYS C 51 -8.97 -2.65 -30.76
N TYR C 52 -10.15 -2.84 -31.36
CA TYR C 52 -10.98 -3.98 -30.99
C TYR C 52 -10.25 -5.29 -31.23
N PHE C 53 -9.55 -5.39 -32.37
CA PHE C 53 -8.85 -6.62 -32.72
C PHE C 53 -7.64 -6.85 -31.83
N SER C 54 -6.91 -5.79 -31.48
CA SER C 54 -5.66 -5.90 -30.76
C SER C 54 -5.80 -5.75 -29.25
N PHE C 55 -7.04 -5.63 -28.74
CA PHE C 55 -7.24 -5.57 -27.29
C PHE C 55 -6.54 -6.65 -26.48
N PRO C 56 -6.60 -7.94 -26.83
CA PRO C 56 -5.91 -8.94 -25.97
C PRO C 56 -4.42 -8.71 -25.82
N GLY C 57 -3.77 -8.10 -26.81
CA GLY C 57 -2.35 -7.81 -26.67
C GLY C 57 -2.06 -6.85 -25.52
N GLU C 58 -2.74 -5.71 -25.52
CA GLU C 58 -2.57 -4.78 -24.41
C GLU C 58 -3.21 -5.29 -23.13
N LEU C 59 -4.13 -6.25 -23.22
CA LEU C 59 -4.65 -6.90 -22.03
C LEU C 59 -3.55 -7.73 -21.36
N LEU C 60 -2.80 -8.48 -22.16
CA LEU C 60 -1.63 -9.19 -21.65
C LEU C 60 -0.60 -8.21 -21.12
N MET C 61 -0.42 -7.09 -21.81
CA MET C 61 0.50 -6.06 -21.31
C MET C 61 0.05 -5.55 -19.95
N ARG C 62 -1.25 -5.33 -19.77
CA ARG C 62 -1.79 -4.87 -18.51
C ARG C 62 -1.57 -5.89 -17.40
N MET C 63 -1.78 -7.18 -17.70
CA MET C 63 -1.55 -8.21 -16.68
C MET C 63 -0.08 -8.27 -16.28
N LEU C 64 0.82 -8.18 -17.26
CA LEU C 64 2.24 -8.16 -16.93
C LEU C 64 2.65 -6.92 -16.14
N GLN C 65 2.08 -5.76 -16.44
CA GLN C 65 2.43 -4.57 -15.66
C GLN C 65 1.68 -4.52 -14.32
N MET C 66 0.68 -5.39 -14.13
CA MET C 66 0.26 -5.74 -12.78
C MET C 66 1.34 -6.53 -12.07
N LEU C 67 1.83 -7.58 -12.72
CA LEU C 67 2.77 -8.49 -12.08
C LEU C 67 4.15 -7.88 -11.87
N VAL C 68 4.44 -6.76 -12.52
CA VAL C 68 5.81 -6.21 -12.49
C VAL C 68 6.27 -5.93 -11.06
N LEU C 69 5.45 -5.24 -10.26
CA LEU C 69 5.92 -4.70 -8.99
C LEU C 69 6.03 -5.78 -7.91
N PRO C 70 4.94 -6.49 -7.57
CA PRO C 70 5.04 -7.48 -6.48
C PRO C 70 6.07 -8.55 -6.78
N LEU C 71 6.16 -8.97 -8.04
CA LEU C 71 7.12 -10.01 -8.41
C LEU C 71 8.54 -9.60 -8.04
N ILE C 72 8.98 -8.44 -8.52
CA ILE C 72 10.36 -8.03 -8.29
C ILE C 72 10.59 -7.74 -6.81
N ILE C 73 9.66 -7.04 -6.15
CA ILE C 73 9.91 -6.65 -4.77
C ILE C 73 9.98 -7.88 -3.87
N SER C 74 9.04 -8.82 -4.02
CA SER C 74 9.02 -9.99 -3.15
C SER C 74 10.16 -10.94 -3.47
N SER C 75 10.46 -11.16 -4.75
CA SER C 75 11.56 -12.03 -5.12
C SER C 75 12.89 -11.49 -4.61
N LEU C 76 13.11 -10.18 -4.74
CA LEU C 76 14.37 -9.61 -4.27
C LEU C 76 14.43 -9.62 -2.75
N VAL C 77 13.31 -9.39 -2.07
CA VAL C 77 13.31 -9.48 -0.61
C VAL C 77 13.68 -10.88 -0.16
N THR C 78 13.09 -11.90 -0.79
CA THR C 78 13.41 -13.28 -0.44
C THR C 78 14.88 -13.60 -0.73
N GLY C 79 15.39 -13.15 -1.88
CA GLY C 79 16.78 -13.40 -2.21
C GLY C 79 17.74 -12.74 -1.24
N MET C 80 17.47 -11.49 -0.86
CA MET C 80 18.32 -10.80 0.09
C MET C 80 18.25 -11.45 1.46
N ALA C 81 17.07 -11.91 1.88
CA ALA C 81 16.96 -12.60 3.15
C ALA C 81 17.74 -13.90 3.15
N ALA C 82 17.67 -14.65 2.05
CA ALA C 82 18.39 -15.91 1.96
C ALA C 82 19.89 -15.74 1.76
N LEU C 83 20.33 -14.58 1.27
CA LEU C 83 21.75 -14.38 1.01
C LEU C 83 22.55 -14.40 2.30
N ASP C 84 22.07 -13.72 3.34
CA ASP C 84 22.82 -13.64 4.59
C ASP C 84 22.93 -15.01 5.26
N SER C 85 21.84 -15.79 5.23
CA SER C 85 21.86 -17.09 5.88
C SER C 85 22.84 -18.05 5.21
N LYS C 86 22.78 -18.15 3.88
CA LYS C 86 23.65 -19.08 3.17
C LYS C 86 25.09 -18.55 3.10
N ALA C 87 25.26 -17.26 2.84
CA ALA C 87 26.59 -16.66 2.77
C ALA C 87 26.85 -15.93 4.08
N SER C 88 27.31 -16.68 5.07
CA SER C 88 27.56 -16.15 6.40
C SER C 88 28.99 -15.67 6.60
N GLY C 89 29.84 -15.78 5.59
CA GLY C 89 31.24 -15.40 5.74
C GLY C 89 31.71 -14.32 4.78
N LYS C 90 33.01 -14.03 4.81
CA LYS C 90 33.57 -13.00 3.93
C LYS C 90 33.62 -13.44 2.48
N MET C 91 33.70 -14.75 2.22
CA MET C 91 33.75 -15.22 0.84
C MET C 91 32.44 -14.96 0.10
N GLY C 92 31.31 -14.96 0.81
CA GLY C 92 30.05 -14.58 0.18
C GLY C 92 30.04 -13.13 -0.25
N MET C 93 30.55 -12.24 0.60
CA MET C 93 30.68 -10.84 0.22
C MET C 93 31.63 -10.67 -0.95
N ARG C 94 32.73 -11.44 -0.95
CA ARG C 94 33.65 -11.40 -2.09
C ARG C 94 32.94 -11.83 -3.37
N ALA C 95 32.14 -12.89 -3.30
CA ALA C 95 31.43 -13.38 -4.48
C ALA C 95 30.41 -12.36 -4.98
N VAL C 96 29.66 -11.73 -4.07
CA VAL C 96 28.65 -10.77 -4.52
C VAL C 96 29.32 -9.52 -5.09
N VAL C 97 30.46 -9.10 -4.52
CA VAL C 97 31.20 -7.97 -5.08
C VAL C 97 31.72 -8.33 -6.46
N TYR C 98 32.22 -9.56 -6.62
CA TYR C 98 32.69 -10.03 -7.93
C TYR C 98 31.57 -10.01 -8.95
N TYR C 99 30.38 -10.49 -8.58
CA TYR C 99 29.28 -10.50 -9.52
C TYR C 99 28.81 -9.09 -9.84
N MET C 100 28.81 -8.20 -8.86
CA MET C 100 28.44 -6.81 -9.11
C MET C 100 29.41 -6.15 -10.09
N THR C 101 30.72 -6.36 -9.89
CA THR C 101 31.67 -5.72 -10.80
C THR C 101 31.60 -6.35 -12.19
N THR C 102 31.32 -7.66 -12.28
CA THR C 102 31.17 -8.27 -13.60
C THR C 102 29.94 -7.71 -14.33
N THR C 103 28.83 -7.50 -13.62
CA THR C 103 27.66 -6.95 -14.29
C THR C 103 27.85 -5.48 -14.64
N ILE C 104 28.64 -4.74 -13.84
CA ILE C 104 28.99 -3.38 -14.23
C ILE C 104 29.83 -3.38 -15.51
N ILE C 105 30.80 -4.30 -15.59
CA ILE C 105 31.59 -4.41 -16.82
C ILE C 105 30.69 -4.75 -18.00
N ALA C 106 29.73 -5.65 -17.80
CA ALA C 106 28.81 -6.02 -18.88
C ALA C 106 28.00 -4.82 -19.34
N VAL C 107 27.43 -4.06 -18.41
CA VAL C 107 26.57 -2.95 -18.80
C VAL C 107 27.38 -1.85 -19.46
N VAL C 108 28.60 -1.59 -18.99
CA VAL C 108 29.40 -0.53 -19.59
C VAL C 108 29.87 -0.94 -20.98
N ILE C 109 30.24 -2.21 -21.17
CA ILE C 109 30.66 -2.63 -22.50
C ILE C 109 29.46 -2.60 -23.45
N GLY C 110 28.27 -2.95 -22.96
CA GLY C 110 27.09 -2.86 -23.81
C GLY C 110 26.76 -1.44 -24.21
N ILE C 111 26.86 -0.50 -23.28
CA ILE C 111 26.55 0.89 -23.61
C ILE C 111 27.59 1.46 -24.57
N ILE C 112 28.86 1.07 -24.40
CA ILE C 112 29.88 1.49 -25.37
C ILE C 112 29.56 0.93 -26.75
N ILE C 113 29.15 -0.34 -26.82
CA ILE C 113 28.80 -0.93 -28.11
C ILE C 113 27.66 -0.16 -28.77
N VAL C 114 26.59 0.10 -28.01
CA VAL C 114 25.44 0.76 -28.62
C VAL C 114 25.78 2.20 -28.99
N ILE C 115 26.71 2.84 -28.27
CA ILE C 115 27.13 4.18 -28.64
C ILE C 115 27.94 4.15 -29.94
N ILE C 116 28.86 3.20 -30.06
CA ILE C 116 29.81 3.23 -31.17
C ILE C 116 29.18 2.72 -32.47
N ILE C 117 28.32 1.70 -32.39
CA ILE C 117 27.79 1.11 -33.61
C ILE C 117 26.45 1.72 -34.05
N HIS C 118 25.72 2.35 -33.13
CA HIS C 118 24.43 2.97 -33.43
C HIS C 118 23.49 1.99 -34.11
N PRO C 119 22.95 1.01 -33.39
CA PRO C 119 22.05 0.03 -34.04
C PRO C 119 20.84 0.64 -34.71
N GLY C 120 20.30 1.72 -34.13
CA GLY C 120 19.16 2.38 -34.75
C GLY C 120 19.55 3.16 -35.99
N LYS C 121 18.57 3.34 -36.87
CA LYS C 121 18.78 4.08 -38.11
C LYS C 121 17.89 5.32 -38.17
N ARG C 135 26.21 19.15 -19.99
CA ARG C 135 25.99 19.70 -18.66
C ARG C 135 24.60 20.31 -18.55
N VAL C 136 24.02 20.63 -19.70
CA VAL C 136 22.68 21.22 -19.72
C VAL C 136 21.64 20.20 -19.26
N THR C 137 21.82 18.94 -19.63
CA THR C 137 20.89 17.89 -19.24
C THR C 137 21.61 16.72 -18.60
N ALA C 138 22.86 16.47 -19.04
CA ALA C 138 23.62 15.34 -18.52
C ALA C 138 23.84 15.45 -17.01
N ALA C 139 24.32 16.61 -16.56
CA ALA C 139 24.46 16.83 -15.12
C ALA C 139 23.11 16.78 -14.43
N ASP C 140 22.09 17.37 -15.04
CA ASP C 140 20.75 17.31 -14.48
C ASP C 140 20.22 15.87 -14.45
N ALA C 141 20.51 15.09 -15.50
CA ALA C 141 20.07 13.70 -15.51
C ALA C 141 20.72 12.89 -14.40
N PHE C 142 22.03 13.06 -14.21
CA PHE C 142 22.70 12.36 -13.13
C PHE C 142 22.19 12.81 -11.77
N LEU C 143 21.95 14.12 -11.62
CA LEU C 143 21.41 14.65 -10.37
C LEU C 143 20.05 14.05 -10.08
N ASP C 144 19.19 13.95 -11.10
CA ASP C 144 17.86 13.38 -10.91
C ASP C 144 17.92 11.90 -10.62
N LEU C 145 18.89 11.18 -11.19
CA LEU C 145 19.07 9.78 -10.83
C LEU C 145 19.48 9.64 -9.37
N ILE C 146 20.42 10.48 -8.92
CA ILE C 146 20.86 10.39 -7.53
C ILE C 146 19.71 10.71 -6.60
N ARG C 147 18.87 11.68 -6.97
CA ARG C 147 17.67 11.95 -6.18
C ARG C 147 16.66 10.82 -6.26
N ASN C 148 16.64 10.09 -7.38
CA ASN C 148 15.63 9.08 -7.64
C ASN C 148 15.84 7.82 -6.82
N MET C 149 17.02 7.63 -6.23
CA MET C 149 17.24 6.49 -5.34
C MET C 149 16.31 6.55 -4.14
N PHE C 150 15.85 7.73 -3.77
CA PHE C 150 14.94 7.92 -2.65
C PHE C 150 13.75 8.77 -3.07
N PRO C 151 12.71 8.14 -3.61
CA PRO C 151 11.45 8.84 -3.87
C PRO C 151 10.79 9.23 -2.57
N PRO C 152 9.71 10.04 -2.61
CA PRO C 152 9.00 10.37 -1.36
C PRO C 152 8.70 9.17 -0.50
N ASN C 153 8.05 8.16 -1.05
CA ASN C 153 7.78 6.92 -0.33
C ASN C 153 7.32 5.86 -1.34
N LEU C 154 6.91 4.71 -0.83
CA LEU C 154 6.53 3.60 -1.70
C LEU C 154 5.33 3.95 -2.56
N VAL C 155 4.33 4.63 -1.97
CA VAL C 155 3.11 4.92 -2.71
C VAL C 155 3.40 5.85 -3.88
N GLU C 156 4.17 6.91 -3.66
CA GLU C 156 4.53 7.79 -4.76
C GLU C 156 5.43 7.08 -5.77
N ALA C 157 6.36 6.27 -5.29
CA ALA C 157 7.24 5.52 -6.19
C ALA C 157 6.46 4.53 -7.06
N CYS C 158 5.28 4.11 -6.62
CA CYS C 158 4.50 3.16 -7.39
C CYS C 158 4.06 3.75 -8.73
N PHE C 159 3.64 5.02 -8.75
CA PHE C 159 2.99 5.56 -9.94
C PHE C 159 3.61 6.83 -10.51
N LYS C 160 4.62 7.43 -9.88
CA LYS C 160 5.26 8.60 -10.47
C LYS C 160 6.67 8.76 -9.95
N GLN C 161 7.56 9.24 -10.83
CA GLN C 161 8.96 9.45 -10.49
C GLN C 161 9.17 10.91 -10.10
N PHE C 162 10.44 11.32 -10.03
CA PHE C 162 10.82 12.71 -9.88
C PHE C 162 11.57 13.16 -11.13
N LYS C 163 11.22 14.34 -11.63
CA LYS C 163 11.89 14.90 -12.80
C LYS C 163 12.03 16.40 -12.62
N THR C 164 13.23 16.92 -12.84
CA THR C 164 13.49 18.33 -12.71
C THR C 164 12.94 19.11 -13.89
N ASN C 165 12.50 20.33 -13.63
CA ASN C 165 11.95 21.19 -14.68
C ASN C 165 12.66 22.54 -14.69
N TYR C 166 12.14 23.50 -15.45
CA TYR C 166 12.71 24.84 -15.52
C TYR C 166 11.57 25.83 -15.57
N GLU C 167 11.38 26.59 -14.48
CA GLU C 167 10.27 27.52 -14.35
C GLU C 167 10.56 28.91 -14.90
N LYS C 168 11.82 29.20 -15.26
CA LYS C 168 12.24 30.38 -16.00
C LYS C 168 12.01 31.70 -15.28
N ARG C 169 11.56 31.70 -14.02
CA ARG C 169 11.28 32.93 -13.28
C ARG C 169 11.98 32.87 -11.93
N SER C 170 13.25 33.27 -11.90
CA SER C 170 14.03 33.29 -10.68
C SER C 170 14.88 34.56 -10.65
N PHE C 171 15.08 35.10 -9.46
CA PHE C 171 15.86 36.32 -9.26
C PHE C 171 15.35 37.47 -10.11
N ILE C 199 17.12 41.06 -16.53
CA ILE C 199 18.31 40.96 -15.69
C ILE C 199 18.39 39.57 -15.07
N THR C 200 17.50 38.67 -15.49
CA THR C 200 17.47 37.32 -14.96
C THR C 200 17.01 36.38 -16.09
N GLU C 201 17.99 35.79 -16.77
CA GLU C 201 17.72 34.84 -17.85
C GLU C 201 18.70 33.67 -17.65
N GLU C 202 18.21 32.59 -17.04
CA GLU C 202 19.06 31.46 -16.73
C GLU C 202 18.24 30.17 -16.76
N LEU C 203 18.94 29.05 -16.87
CA LEU C 203 18.31 27.72 -16.88
C LEU C 203 18.16 27.24 -15.43
N VAL C 204 17.25 27.90 -14.72
CA VAL C 204 17.06 27.63 -13.30
C VAL C 204 16.26 26.32 -13.14
N PRO C 205 16.75 25.36 -12.36
CA PRO C 205 15.97 24.15 -12.12
C PRO C 205 14.84 24.39 -11.14
N VAL C 206 13.85 23.50 -11.19
CA VAL C 206 12.71 23.54 -10.27
C VAL C 206 12.18 22.11 -10.11
N PRO C 207 11.84 21.69 -8.90
CA PRO C 207 11.34 20.32 -8.71
C PRO C 207 10.04 20.07 -9.45
N GLY C 208 9.85 18.82 -9.88
CA GLY C 208 8.65 18.42 -10.58
C GLY C 208 8.47 16.91 -10.50
N SER C 209 7.34 16.44 -11.00
CA SER C 209 6.98 15.03 -10.95
C SER C 209 6.52 14.56 -12.32
N VAL C 210 6.83 13.30 -12.64
CA VAL C 210 6.44 12.66 -13.90
C VAL C 210 5.88 11.28 -13.59
N ASN C 211 4.73 10.97 -14.16
CA ASN C 211 4.06 9.70 -13.90
C ASN C 211 4.83 8.54 -14.52
N GLY C 212 4.60 7.34 -13.98
CA GLY C 212 5.23 6.14 -14.48
C GLY C 212 5.32 5.04 -13.43
N VAL C 213 6.45 4.34 -13.39
CA VAL C 213 6.75 3.39 -12.33
C VAL C 213 8.20 3.61 -11.91
N ASN C 214 8.42 3.84 -10.62
CA ASN C 214 9.75 4.15 -10.10
C ASN C 214 10.32 2.90 -9.45
N ALA C 215 10.96 2.06 -10.27
CA ALA C 215 11.54 0.82 -9.76
C ALA C 215 12.84 1.06 -9.01
N LEU C 216 13.65 2.04 -9.46
CA LEU C 216 14.99 2.20 -8.93
C LEU C 216 14.97 2.49 -7.43
N GLY C 217 14.19 3.49 -7.01
CA GLY C 217 14.03 3.74 -5.59
C GLY C 217 13.39 2.57 -4.88
N LEU C 218 12.36 1.98 -5.49
CA LEU C 218 11.72 0.81 -4.92
C LEU C 218 12.69 -0.35 -4.81
N VAL C 219 13.50 -0.59 -5.84
CA VAL C 219 14.40 -1.74 -5.81
C VAL C 219 15.51 -1.54 -4.80
N VAL C 220 16.02 -0.31 -4.66
CA VAL C 220 17.08 -0.08 -3.68
C VAL C 220 16.52 -0.18 -2.25
N PHE C 221 15.30 0.33 -2.04
CA PHE C 221 14.67 0.17 -0.74
C PHE C 221 14.44 -1.29 -0.42
N SER C 222 14.02 -2.08 -1.42
CA SER C 222 13.84 -3.50 -1.22
C SER C 222 15.15 -4.19 -0.88
N MET C 223 16.24 -3.81 -1.55
CA MET C 223 17.54 -4.39 -1.25
C MET C 223 17.95 -4.09 0.19
N CYS C 224 17.80 -2.84 0.61
CA CYS C 224 18.19 -2.47 1.97
C CYS C 224 17.33 -3.19 3.01
N PHE C 225 16.00 -3.25 2.78
CA PHE C 225 15.12 -3.94 3.71
C PHE C 225 15.43 -5.43 3.77
N GLY C 226 15.72 -6.04 2.63
CA GLY C 226 16.09 -7.44 2.62
C GLY C 226 17.38 -7.71 3.36
N PHE C 227 18.37 -6.83 3.20
CA PHE C 227 19.60 -6.98 3.96
C PHE C 227 19.34 -6.87 5.45
N VAL C 228 18.51 -5.90 5.86
CA VAL C 228 18.21 -5.73 7.28
C VAL C 228 17.51 -6.95 7.84
N ILE C 229 16.51 -7.47 7.11
CA ILE C 229 15.78 -8.62 7.65
C ILE C 229 16.64 -9.88 7.62
N GLY C 230 17.55 -9.99 6.66
CA GLY C 230 18.46 -11.12 6.65
C GLY C 230 19.53 -11.05 7.71
N ASN C 231 19.82 -9.85 8.23
CA ASN C 231 20.71 -9.75 9.37
C ASN C 231 20.13 -10.40 10.62
N MET C 232 18.82 -10.66 10.64
CA MET C 232 18.17 -11.29 11.79
C MET C 232 18.47 -12.79 11.78
N LYS C 233 18.91 -13.31 12.92
CA LYS C 233 19.08 -14.74 13.07
C LYS C 233 17.79 -15.41 13.53
N GLU C 234 17.13 -14.83 14.53
CA GLU C 234 15.90 -15.38 15.10
C GLU C 234 14.76 -14.38 15.11
N GLN C 235 15.05 -13.10 15.30
CA GLN C 235 13.98 -12.11 15.42
C GLN C 235 13.16 -11.98 14.14
N GLY C 236 13.82 -12.06 12.98
CA GLY C 236 13.15 -11.96 11.71
C GLY C 236 12.63 -13.28 11.15
N GLN C 237 12.63 -14.34 11.96
CA GLN C 237 12.16 -15.64 11.47
C GLN C 237 10.68 -15.57 11.07
N ALA C 238 9.86 -14.92 11.89
CA ALA C 238 8.43 -14.82 11.58
C ALA C 238 8.19 -14.01 10.31
N LEU C 239 8.93 -12.90 10.15
CA LEU C 239 8.73 -12.05 8.97
C LEU C 239 9.22 -12.72 7.70
N ARG C 240 10.31 -13.49 7.80
CA ARG C 240 10.90 -14.10 6.60
C ARG C 240 9.95 -15.11 5.96
N GLU C 241 9.28 -15.94 6.78
CA GLU C 241 8.40 -16.97 6.22
C GLU C 241 7.21 -16.37 5.50
N PHE C 242 6.64 -15.30 6.03
CA PHE C 242 5.50 -14.66 5.37
C PHE C 242 5.89 -14.13 3.99
N PHE C 243 7.03 -13.45 3.90
CA PHE C 243 7.49 -12.94 2.62
C PHE C 243 7.87 -14.08 1.67
N ASP C 244 8.42 -15.17 2.19
CA ASP C 244 8.74 -16.32 1.35
C ASP C 244 7.47 -16.95 0.77
N SER C 245 6.43 -17.10 1.60
CA SER C 245 5.17 -17.65 1.13
C SER C 245 4.54 -16.73 0.09
N LEU C 246 4.60 -15.42 0.31
CA LEU C 246 4.13 -14.48 -0.69
C LEU C 246 4.94 -14.61 -1.98
N ASN C 247 6.24 -14.86 -1.86
CA ASN C 247 7.09 -15.02 -3.03
C ASN C 247 6.67 -16.23 -3.85
N GLU C 248 6.43 -17.37 -3.19
CA GLU C 248 5.96 -18.55 -3.92
C GLU C 248 4.58 -18.32 -4.52
N ALA C 249 3.71 -17.61 -3.80
CA ALA C 249 2.40 -17.27 -4.35
C ALA C 249 2.53 -16.46 -5.62
N ILE C 250 3.42 -15.48 -5.63
CA ILE C 250 3.64 -14.68 -6.84
C ILE C 250 4.27 -15.53 -7.93
N MET C 251 5.17 -16.46 -7.55
CA MET C 251 5.76 -17.36 -8.54
C MET C 251 4.66 -18.10 -9.30
N ARG C 252 3.76 -18.75 -8.58
CA ARG C 252 2.73 -19.52 -9.27
C ARG C 252 1.65 -18.62 -9.88
N LEU C 253 1.51 -17.38 -9.38
CA LEU C 253 0.65 -16.42 -10.07
C LEU C 253 1.19 -16.09 -11.45
N VAL C 254 2.50 -15.86 -11.56
CA VAL C 254 3.13 -15.64 -12.85
C VAL C 254 3.01 -16.90 -13.71
N ALA C 255 3.23 -18.07 -13.10
CA ALA C 255 3.21 -19.31 -13.85
C ALA C 255 1.84 -19.59 -14.46
N VAL C 256 0.76 -19.45 -13.67
CA VAL C 256 -0.56 -19.81 -14.15
C VAL C 256 -1.04 -18.82 -15.20
N ILE C 257 -0.72 -17.53 -15.04
CA ILE C 257 -1.20 -16.52 -15.98
C ILE C 257 -0.43 -16.57 -17.29
N MET C 258 0.72 -17.23 -17.33
CA MET C 258 1.52 -17.27 -18.55
C MET C 258 0.94 -18.22 -19.60
N TRP C 259 0.00 -19.08 -19.21
CA TRP C 259 -0.63 -19.95 -20.20
C TRP C 259 -1.49 -19.17 -21.19
N TYR C 260 -1.84 -17.93 -20.87
CA TYR C 260 -2.57 -17.06 -21.78
C TYR C 260 -1.65 -16.37 -22.77
N ALA C 261 -0.34 -16.45 -22.57
CA ALA C 261 0.61 -15.74 -23.43
C ALA C 261 0.49 -16.07 -24.92
N PRO C 262 0.29 -17.33 -25.37
CA PRO C 262 0.24 -17.59 -26.81
C PRO C 262 -0.77 -16.74 -27.57
N VAL C 263 -2.04 -16.79 -27.17
CA VAL C 263 -3.08 -16.06 -27.90
C VAL C 263 -2.88 -14.55 -27.76
N GLY C 264 -2.40 -14.10 -26.60
CA GLY C 264 -2.16 -12.67 -26.43
C GLY C 264 -1.08 -12.15 -27.36
N ILE C 265 0.03 -12.89 -27.47
CA ILE C 265 1.10 -12.49 -28.38
C ILE C 265 0.63 -12.61 -29.83
N LEU C 266 -0.17 -13.63 -30.13
CA LEU C 266 -0.77 -13.76 -31.45
C LEU C 266 -1.52 -12.50 -31.84
N PHE C 267 -2.42 -12.05 -30.97
CA PHE C 267 -3.24 -10.90 -31.29
C PHE C 267 -2.44 -9.60 -31.28
N LEU C 268 -1.45 -9.49 -30.38
CA LEU C 268 -0.61 -8.31 -30.36
C LEU C 268 0.18 -8.16 -31.65
N ILE C 269 0.77 -9.27 -32.12
CA ILE C 269 1.50 -9.24 -33.38
C ILE C 269 0.57 -8.89 -34.53
N ALA C 270 -0.61 -9.52 -34.57
CA ALA C 270 -1.54 -9.28 -35.66
C ALA C 270 -2.00 -7.82 -35.69
N GLY C 271 -2.30 -7.26 -34.51
CA GLY C 271 -2.73 -5.87 -34.46
C GLY C 271 -1.62 -4.89 -34.81
N LYS C 272 -0.41 -5.14 -34.32
CA LYS C 272 0.66 -4.17 -34.53
C LYS C 272 1.22 -4.21 -35.95
N ILE C 273 1.21 -5.38 -36.61
CA ILE C 273 1.76 -5.46 -37.96
C ILE C 273 0.94 -4.62 -38.93
N VAL C 274 -0.39 -4.69 -38.82
CA VAL C 274 -1.24 -4.06 -39.83
C VAL C 274 -1.28 -2.55 -39.71
N GLU C 275 -1.02 -1.97 -38.54
CA GLU C 275 -1.07 -0.53 -38.38
C GLU C 275 0.27 0.14 -38.62
N MET C 276 1.36 -0.62 -38.66
CA MET C 276 2.70 -0.07 -38.81
C MET C 276 3.07 -0.08 -40.30
N GLU C 277 3.45 1.10 -40.81
CA GLU C 277 3.75 1.28 -42.22
C GLU C 277 5.26 1.33 -42.45
N ASP C 278 5.65 1.09 -43.70
CA ASP C 278 7.05 0.99 -44.12
C ASP C 278 7.75 -0.13 -43.34
N MET C 279 7.30 -1.35 -43.64
CA MET C 279 7.83 -2.53 -42.96
C MET C 279 9.32 -2.72 -43.21
N GLY C 280 9.83 -2.17 -44.32
CA GLY C 280 11.24 -2.38 -44.65
C GLY C 280 12.19 -1.80 -43.62
N VAL C 281 11.93 -0.56 -43.19
CA VAL C 281 12.84 0.09 -42.25
C VAL C 281 12.77 -0.59 -40.89
N ILE C 282 11.57 -1.00 -40.45
CA ILE C 282 11.46 -1.68 -39.16
C ILE C 282 12.12 -3.06 -39.23
N GLY C 283 12.03 -3.73 -40.38
CA GLY C 283 12.73 -5.00 -40.53
C GLY C 283 14.24 -4.82 -40.48
N GLY C 284 14.74 -3.78 -41.14
CA GLY C 284 16.17 -3.49 -41.04
C GLY C 284 16.59 -3.16 -39.61
N GLN C 285 15.76 -2.41 -38.89
CA GLN C 285 16.08 -2.06 -37.51
C GLN C 285 16.11 -3.30 -36.61
N LEU C 286 15.13 -4.20 -36.78
CA LEU C 286 15.13 -5.41 -35.97
C LEU C 286 16.29 -6.34 -36.33
N ALA C 287 16.67 -6.39 -37.61
CA ALA C 287 17.85 -7.16 -37.99
C ALA C 287 19.11 -6.58 -37.36
N MET C 288 19.22 -5.24 -37.35
CA MET C 288 20.36 -4.60 -36.70
C MET C 288 20.37 -4.88 -35.20
N TYR C 289 19.21 -4.86 -34.56
CA TYR C 289 19.14 -5.25 -33.16
C TYR C 289 19.61 -6.68 -32.94
N THR C 290 19.16 -7.60 -33.80
CA THR C 290 19.56 -9.00 -33.64
C THR C 290 21.07 -9.15 -33.76
N VAL C 291 21.65 -8.50 -34.78
CA VAL C 291 23.10 -8.57 -34.97
C VAL C 291 23.82 -7.96 -33.77
N THR C 292 23.34 -6.81 -33.29
CA THR C 292 23.98 -6.14 -32.17
C THR C 292 23.97 -7.02 -30.93
N VAL C 293 22.80 -7.58 -30.58
CA VAL C 293 22.71 -8.35 -29.35
C VAL C 293 23.53 -9.63 -29.46
N ILE C 294 23.47 -10.31 -30.61
CA ILE C 294 24.18 -11.58 -30.72
C ILE C 294 25.70 -11.33 -30.65
N VAL C 295 26.17 -10.30 -31.36
CA VAL C 295 27.60 -10.00 -31.37
C VAL C 295 28.07 -9.58 -30.00
N GLY C 296 27.31 -8.71 -29.33
CA GLY C 296 27.69 -8.28 -28.00
C GLY C 296 27.73 -9.42 -27.00
N LEU C 297 26.73 -10.31 -27.05
CA LEU C 297 26.71 -11.42 -26.13
C LEU C 297 27.90 -12.35 -26.35
N LEU C 298 28.19 -12.68 -27.62
CA LEU C 298 29.34 -13.55 -27.89
C LEU C 298 30.65 -12.89 -27.49
N ILE C 299 30.83 -11.60 -27.76
CA ILE C 299 32.10 -10.98 -27.43
C ILE C 299 32.27 -10.88 -25.92
N HIS C 300 31.21 -10.52 -25.19
CA HIS C 300 31.28 -10.52 -23.74
C HIS C 300 31.54 -11.91 -23.19
N ALA C 301 31.07 -12.95 -23.90
CA ALA C 301 31.30 -14.31 -23.44
C ALA C 301 32.74 -14.76 -23.66
N VAL C 302 33.34 -14.41 -24.81
CA VAL C 302 34.57 -15.07 -25.22
C VAL C 302 35.76 -14.12 -25.32
N ILE C 303 35.64 -12.88 -24.82
CA ILE C 303 36.84 -12.05 -24.71
C ILE C 303 37.06 -11.57 -23.28
N VAL C 304 36.12 -10.78 -22.75
CA VAL C 304 36.35 -10.16 -21.44
C VAL C 304 36.31 -11.21 -20.34
N LEU C 305 35.35 -12.13 -20.38
CA LEU C 305 35.29 -13.17 -19.37
C LEU C 305 36.50 -14.09 -19.38
N PRO C 306 36.95 -14.64 -20.51
CA PRO C 306 38.20 -15.42 -20.48
C PRO C 306 39.40 -14.61 -20.06
N LEU C 307 39.46 -13.33 -20.43
CA LEU C 307 40.59 -12.49 -20.04
C LEU C 307 40.67 -12.33 -18.52
N LEU C 308 39.53 -12.01 -17.90
CA LEU C 308 39.50 -11.86 -16.45
C LEU C 308 39.71 -13.19 -15.74
N TYR C 309 39.25 -14.30 -16.34
CA TYR C 309 39.54 -15.61 -15.78
C TYR C 309 41.03 -15.90 -15.79
N PHE C 310 41.70 -15.61 -16.91
CA PHE C 310 43.14 -15.85 -17.02
C PHE C 310 43.94 -14.90 -16.15
N LEU C 311 43.40 -13.71 -15.88
CA LEU C 311 44.13 -12.72 -15.07
C LEU C 311 44.38 -13.23 -13.66
N VAL C 312 43.39 -13.90 -13.07
CA VAL C 312 43.47 -14.34 -11.68
C VAL C 312 43.76 -15.83 -11.58
N THR C 313 42.96 -16.65 -12.26
CA THR C 313 43.12 -18.11 -12.15
C THR C 313 44.45 -18.57 -12.75
N ARG C 314 44.92 -17.90 -13.80
CA ARG C 314 46.17 -18.26 -14.48
C ARG C 314 46.12 -19.68 -15.04
N LYS C 315 44.95 -20.12 -15.49
CA LYS C 315 44.75 -21.44 -16.05
C LYS C 315 44.17 -21.30 -17.47
N ASN C 316 43.96 -22.45 -18.12
CA ASN C 316 43.45 -22.47 -19.47
C ASN C 316 41.93 -22.62 -19.44
N PRO C 317 41.16 -21.63 -19.89
CA PRO C 317 39.70 -21.77 -19.90
C PRO C 317 39.18 -22.74 -20.94
N TRP C 318 40.00 -23.12 -21.92
CA TRP C 318 39.55 -24.06 -22.94
C TRP C 318 39.27 -25.44 -22.34
N VAL C 319 40.11 -25.88 -21.40
CA VAL C 319 39.86 -27.13 -20.70
C VAL C 319 38.58 -27.03 -19.87
N PHE C 320 38.32 -25.85 -19.30
CA PHE C 320 37.07 -25.63 -18.58
C PHE C 320 35.86 -25.79 -19.50
N ILE C 321 35.95 -25.24 -20.71
CA ILE C 321 34.85 -25.38 -21.67
C ILE C 321 34.67 -26.84 -22.06
N GLY C 322 35.77 -27.56 -22.28
CA GLY C 322 35.67 -28.97 -22.60
C GLY C 322 35.03 -29.77 -21.48
N GLY C 323 35.34 -29.42 -20.23
CA GLY C 323 34.71 -30.10 -19.11
C GLY C 323 33.23 -29.79 -18.98
N LEU C 324 32.85 -28.53 -19.23
CA LEU C 324 31.48 -28.08 -18.97
C LEU C 324 30.58 -28.12 -20.20
N LEU C 325 31.07 -28.60 -21.35
CA LEU C 325 30.26 -28.59 -22.57
C LEU C 325 28.96 -29.38 -22.40
N GLN C 326 28.96 -30.45 -21.61
CA GLN C 326 27.72 -31.20 -21.38
C GLN C 326 26.67 -30.33 -20.69
N ALA C 327 27.08 -29.64 -19.63
CA ALA C 327 26.17 -28.73 -18.95
C ALA C 327 25.73 -27.59 -19.87
N LEU C 328 26.63 -27.09 -20.71
CA LEU C 328 26.27 -26.04 -21.65
C LEU C 328 25.22 -26.51 -22.64
N ILE C 329 25.37 -27.75 -23.14
CA ILE C 329 24.39 -28.30 -24.08
C ILE C 329 23.05 -28.49 -23.39
N THR C 330 23.06 -28.98 -22.14
CA THR C 330 21.81 -29.14 -21.40
C THR C 330 21.11 -27.80 -21.18
N ALA C 331 21.89 -26.77 -20.84
CA ALA C 331 21.32 -25.43 -20.65
C ALA C 331 20.76 -24.88 -21.95
N LEU C 332 21.47 -25.11 -23.07
CA LEU C 332 20.99 -24.66 -24.36
C LEU C 332 19.68 -25.36 -24.73
N GLY C 333 19.58 -26.65 -24.45
CA GLY C 333 18.39 -27.41 -24.78
C GLY C 333 17.19 -27.07 -23.92
N THR C 334 17.33 -27.20 -22.59
CA THR C 334 16.19 -26.97 -21.71
C THR C 334 15.87 -25.49 -21.56
N SER C 335 16.88 -24.62 -21.72
CA SER C 335 16.70 -23.18 -21.56
C SER C 335 16.17 -22.83 -20.17
N SER C 336 16.66 -23.54 -19.16
CA SER C 336 16.25 -23.32 -17.78
C SER C 336 17.46 -23.49 -16.88
N SER C 337 17.86 -22.41 -16.21
CA SER C 337 19.02 -22.48 -15.32
C SER C 337 18.76 -23.40 -14.14
N SER C 338 17.56 -23.32 -13.56
CA SER C 338 17.23 -24.16 -12.40
C SER C 338 17.20 -25.64 -12.77
N ALA C 339 16.67 -25.97 -13.96
CA ALA C 339 16.58 -27.36 -14.36
C ALA C 339 17.96 -27.99 -14.55
N THR C 340 18.90 -27.24 -15.10
CA THR C 340 20.24 -27.73 -15.36
C THR C 340 21.19 -27.49 -14.19
N LEU C 341 20.67 -26.98 -13.07
CA LEU C 341 21.54 -26.70 -11.91
C LEU C 341 22.20 -27.97 -11.36
N PRO C 342 21.49 -29.07 -11.08
CA PRO C 342 22.21 -30.29 -10.65
C PRO C 342 23.15 -30.82 -11.70
N ILE C 343 22.83 -30.63 -13.00
CA ILE C 343 23.75 -31.03 -14.06
C ILE C 343 25.05 -30.23 -13.94
N THR C 344 24.94 -28.93 -13.68
CA THR C 344 26.14 -28.12 -13.49
C THR C 344 26.93 -28.58 -12.29
N PHE C 345 26.25 -28.88 -11.16
CA PHE C 345 26.96 -29.41 -10.00
C PHE C 345 27.73 -30.68 -10.33
N LYS C 346 27.06 -31.65 -10.96
CA LYS C 346 27.72 -32.92 -11.24
C LYS C 346 28.86 -32.74 -12.24
N CYS C 347 28.68 -31.86 -13.24
CA CYS C 347 29.73 -31.62 -14.21
C CYS C 347 30.96 -31.02 -13.56
N LEU C 348 30.77 -29.98 -12.73
CA LEU C 348 31.92 -29.38 -12.06
C LEU C 348 32.53 -30.33 -11.05
N GLU C 349 31.74 -31.25 -10.49
CA GLU C 349 32.26 -32.18 -9.50
C GLU C 349 33.13 -33.25 -10.14
N GLU C 350 32.69 -33.82 -11.27
CA GLU C 350 33.37 -34.99 -11.82
C GLU C 350 34.31 -34.64 -12.97
N ASN C 351 33.96 -33.68 -13.82
CA ASN C 351 34.76 -33.42 -15.02
C ASN C 351 35.68 -32.23 -14.86
N ASN C 352 35.22 -31.14 -14.25
CA ASN C 352 36.02 -29.93 -14.13
C ASN C 352 37.06 -30.00 -13.02
N GLY C 353 36.98 -30.98 -12.13
CA GLY C 353 37.92 -31.11 -11.05
C GLY C 353 37.87 -29.95 -10.07
N VAL C 354 36.66 -29.57 -9.66
CA VAL C 354 36.44 -28.45 -8.76
C VAL C 354 36.11 -29.01 -7.38
N ASP C 355 36.74 -28.43 -6.35
CA ASP C 355 36.46 -28.84 -4.99
C ASP C 355 35.01 -28.55 -4.63
N LYS C 356 34.35 -29.53 -4.02
CA LYS C 356 32.91 -29.45 -3.82
C LYS C 356 32.54 -28.58 -2.62
N ARG C 357 33.51 -28.26 -1.76
CA ARG C 357 33.19 -27.61 -0.48
C ARG C 357 32.57 -26.24 -0.69
N VAL C 358 33.09 -25.47 -1.66
CA VAL C 358 32.64 -24.10 -1.84
C VAL C 358 31.30 -24.04 -2.58
N THR C 359 30.91 -25.14 -3.23
CA THR C 359 29.88 -25.09 -4.26
C THR C 359 28.45 -24.98 -3.73
N ARG C 360 28.18 -25.32 -2.47
CA ARG C 360 26.78 -25.26 -2.01
C ARG C 360 26.29 -23.83 -1.80
N PHE C 361 27.18 -22.88 -1.56
CA PHE C 361 26.74 -21.54 -1.15
C PHE C 361 27.03 -20.43 -2.15
N VAL C 362 28.10 -20.54 -2.93
CA VAL C 362 28.40 -19.46 -3.89
C VAL C 362 27.40 -19.46 -5.03
N LEU C 363 27.06 -20.63 -5.57
CA LEU C 363 26.19 -20.69 -6.74
C LEU C 363 24.77 -20.20 -6.46
N PRO C 364 24.08 -20.66 -5.40
CA PRO C 364 22.68 -20.22 -5.24
C PRO C 364 22.52 -18.74 -4.95
N VAL C 365 23.37 -18.16 -4.08
CA VAL C 365 23.26 -16.74 -3.81
C VAL C 365 23.63 -15.93 -5.04
N GLY C 366 24.57 -16.42 -5.85
CA GLY C 366 24.91 -15.72 -7.08
C GLY C 366 23.78 -15.76 -8.09
N ALA C 367 23.07 -16.89 -8.19
CA ALA C 367 21.95 -16.98 -9.11
C ALA C 367 20.83 -16.03 -8.71
N THR C 368 20.56 -15.89 -7.41
CA THR C 368 19.49 -15.01 -6.96
C THR C 368 19.87 -13.53 -7.11
N ILE C 369 21.12 -13.19 -6.82
CA ILE C 369 21.56 -11.80 -6.88
C ILE C 369 21.70 -11.36 -8.33
N GLY C 373 24.49 -11.43 -17.34
CA GLY C 373 24.23 -11.09 -18.73
C GLY C 373 22.85 -10.52 -18.96
N THR C 374 21.97 -10.68 -17.97
CA THR C 374 20.62 -10.15 -18.09
C THR C 374 20.62 -8.62 -18.15
N ALA C 375 21.47 -7.98 -17.36
CA ALA C 375 21.52 -6.51 -17.36
C ALA C 375 21.95 -5.98 -18.72
N LEU C 376 22.88 -6.67 -19.38
CA LEU C 376 23.31 -6.26 -20.71
C LEU C 376 22.15 -6.29 -21.70
N TYR C 377 21.36 -7.37 -21.68
CA TYR C 377 20.22 -7.47 -22.60
C TYR C 377 19.16 -6.43 -22.27
N GLU C 378 18.93 -6.17 -20.98
CA GLU C 378 18.00 -5.12 -20.59
C GLU C 378 18.45 -3.76 -21.13
N ALA C 379 19.74 -3.46 -20.98
CA ALA C 379 20.27 -2.19 -21.47
C ALA C 379 20.16 -2.08 -22.98
N LEU C 380 20.46 -3.18 -23.69
CA LEU C 380 20.33 -3.17 -25.14
C LEU C 380 18.91 -2.88 -25.57
N ALA C 381 17.94 -3.59 -24.97
CA ALA C 381 16.55 -3.38 -25.33
C ALA C 381 16.09 -1.97 -25.01
N ALA C 382 16.47 -1.46 -23.84
CA ALA C 382 16.04 -0.12 -23.45
C ALA C 382 16.63 0.96 -24.36
N ILE C 383 17.93 0.84 -24.70
CA ILE C 383 18.55 1.85 -25.55
C ILE C 383 17.97 1.78 -26.95
N PHE C 384 17.65 0.57 -27.43
CA PHE C 384 17.04 0.45 -28.75
C PHE C 384 15.64 1.06 -28.77
N ILE C 385 14.85 0.81 -27.72
CA ILE C 385 13.52 1.39 -27.64
C ILE C 385 13.60 2.91 -27.60
N ALA C 386 14.56 3.44 -26.84
CA ALA C 386 14.77 4.89 -26.80
C ALA C 386 15.17 5.43 -28.18
N GLN C 387 15.99 4.67 -28.92
CA GLN C 387 16.46 5.14 -30.21
C GLN C 387 15.39 5.05 -31.29
N VAL C 388 14.45 4.11 -31.16
CA VAL C 388 13.48 3.87 -32.23
C VAL C 388 12.54 5.06 -32.40
N ASN C 389 12.03 5.59 -31.29
CA ASN C 389 10.98 6.60 -31.35
C ASN C 389 11.52 8.02 -31.57
N ASN C 390 12.72 8.15 -32.13
CA ASN C 390 13.30 9.44 -32.49
C ASN C 390 13.55 10.33 -31.28
N PHE C 391 13.90 9.73 -30.14
CA PHE C 391 14.30 10.52 -28.98
C PHE C 391 15.67 11.13 -29.23
N GLU C 392 16.00 12.16 -28.44
CA GLU C 392 17.22 12.92 -28.69
C GLU C 392 18.46 12.11 -28.31
N LEU C 393 18.35 11.27 -27.27
CA LEU C 393 19.43 10.37 -26.84
C LEU C 393 20.69 11.15 -26.46
N ASN C 394 20.58 11.91 -25.37
CA ASN C 394 21.73 12.65 -24.87
C ASN C 394 22.71 11.71 -24.18
N PHE C 395 23.95 12.19 -24.02
CA PHE C 395 24.99 11.42 -23.36
C PHE C 395 24.81 11.33 -21.85
N GLY C 396 23.84 12.04 -21.29
CA GLY C 396 23.60 11.99 -19.86
C GLY C 396 22.55 10.98 -19.45
N GLN C 397 21.57 10.75 -20.32
CA GLN C 397 20.52 9.78 -20.00
C GLN C 397 20.93 8.35 -20.29
N ILE C 398 22.03 8.13 -21.02
CA ILE C 398 22.46 6.77 -21.32
C ILE C 398 22.91 6.08 -20.04
N ILE C 399 23.65 6.77 -19.18
CA ILE C 399 24.04 6.17 -17.91
C ILE C 399 22.82 5.92 -17.03
N THR C 400 21.82 6.82 -17.09
CA THR C 400 20.62 6.62 -16.28
C THR C 400 19.86 5.38 -16.73
N ILE C 401 19.68 5.21 -18.04
CA ILE C 401 18.98 4.03 -18.52
C ILE C 401 19.79 2.76 -18.28
N SER C 402 21.12 2.86 -18.33
CA SER C 402 21.96 1.70 -18.01
C SER C 402 21.78 1.28 -16.56
N ILE C 403 21.80 2.25 -15.65
CA ILE C 403 21.61 1.94 -14.23
C ILE C 403 20.20 1.39 -13.99
N THR C 404 19.20 1.96 -14.65
CA THR C 404 17.84 1.46 -14.52
C THR C 404 17.73 0.02 -15.00
N ALA C 405 18.36 -0.29 -16.13
CA ALA C 405 18.33 -1.66 -16.66
C ALA C 405 19.05 -2.63 -15.74
N THR C 406 20.22 -2.23 -15.21
CA THR C 406 20.97 -3.17 -14.37
C THR C 406 20.30 -3.36 -13.01
N ALA C 407 19.56 -2.36 -12.54
CA ALA C 407 18.78 -2.54 -11.32
C ALA C 407 17.52 -3.35 -11.57
N ALA C 408 16.94 -3.24 -12.77
CA ALA C 408 15.71 -3.94 -13.08
C ALA C 408 15.91 -5.45 -13.12
N SER C 409 17.05 -5.90 -13.65
CA SER C 409 17.28 -7.33 -13.90
C SER C 409 17.75 -8.09 -12.67
N ILE C 410 17.99 -7.41 -11.55
CA ILE C 410 18.49 -8.09 -10.36
C ILE C 410 17.46 -9.07 -9.83
N GLY C 411 16.20 -8.64 -9.70
CA GLY C 411 15.15 -9.48 -9.19
C GLY C 411 14.06 -9.76 -10.22
N ALA C 412 14.47 -10.04 -11.45
CA ALA C 412 13.52 -10.18 -12.56
C ALA C 412 12.51 -11.29 -12.33
N ALA C 413 12.97 -12.54 -12.30
CA ALA C 413 12.11 -13.70 -12.14
C ALA C 413 12.98 -14.94 -12.09
N GLY C 414 12.35 -16.07 -11.78
CA GLY C 414 13.02 -17.35 -11.82
C GLY C 414 12.48 -18.24 -12.93
N ILE C 415 11.62 -17.67 -13.77
CA ILE C 415 10.99 -18.40 -14.87
C ILE C 415 11.97 -18.45 -16.04
N PRO C 416 11.88 -19.47 -16.92
CA PRO C 416 12.79 -19.53 -18.07
C PRO C 416 12.54 -18.42 -19.08
N GLN C 417 11.27 -18.22 -19.46
CA GLN C 417 10.89 -17.19 -20.43
C GLN C 417 10.52 -15.92 -19.66
N ALA C 418 11.55 -15.19 -19.23
CA ALA C 418 11.37 -13.96 -18.47
C ALA C 418 11.58 -12.71 -19.31
N GLY C 419 11.62 -12.85 -20.64
CA GLY C 419 11.84 -11.69 -21.48
C GLY C 419 10.72 -10.67 -21.39
N LEU C 420 9.47 -11.14 -21.48
CA LEU C 420 8.33 -10.24 -21.47
C LEU C 420 8.26 -9.45 -20.17
N VAL C 421 8.41 -10.14 -19.04
CA VAL C 421 8.30 -9.47 -17.75
C VAL C 421 9.44 -8.47 -17.57
N THR C 422 10.65 -8.84 -17.99
CA THR C 422 11.78 -7.91 -17.89
C THR C 422 11.56 -6.66 -18.75
N MET C 423 11.01 -6.85 -19.96
CA MET C 423 10.73 -5.71 -20.81
C MET C 423 9.67 -4.82 -20.20
N VAL C 424 8.65 -5.42 -19.58
CA VAL C 424 7.67 -4.63 -18.83
C VAL C 424 8.35 -3.86 -17.72
N ILE C 425 9.27 -4.50 -17.00
CA ILE C 425 9.96 -3.84 -15.89
C ILE C 425 10.69 -2.61 -16.40
N VAL C 426 11.49 -2.76 -17.46
CA VAL C 426 12.33 -1.66 -17.91
C VAL C 426 11.47 -0.55 -18.52
N LEU C 427 10.44 -0.92 -19.29
CA LEU C 427 9.61 0.11 -19.92
C LEU C 427 8.77 0.87 -18.90
N THR C 428 8.35 0.21 -17.83
CA THR C 428 7.65 0.93 -16.77
C THR C 428 8.59 1.78 -15.94
N SER C 429 9.83 1.32 -15.75
CA SER C 429 10.78 2.11 -14.96
C SER C 429 11.30 3.31 -15.73
N VAL C 430 11.34 3.25 -17.06
CA VAL C 430 11.80 4.39 -17.85
C VAL C 430 10.66 5.29 -18.29
N GLY C 431 9.43 4.78 -18.35
CA GLY C 431 8.28 5.59 -18.72
C GLY C 431 7.97 5.63 -20.20
N LEU C 432 8.79 5.02 -21.04
CA LEU C 432 8.52 5.02 -22.48
C LEU C 432 7.34 4.11 -22.80
N PRO C 433 6.67 4.34 -23.92
CA PRO C 433 5.53 3.49 -24.29
C PRO C 433 5.93 2.03 -24.42
N THR C 434 5.01 1.15 -24.02
CA THR C 434 5.25 -0.29 -24.00
C THR C 434 4.64 -1.02 -25.18
N ASP C 435 4.38 -0.31 -26.28
CA ASP C 435 3.78 -0.93 -27.46
C ASP C 435 4.79 -1.64 -28.35
N ASP C 436 6.09 -1.42 -28.14
CA ASP C 436 7.13 -1.97 -28.99
C ASP C 436 7.64 -3.32 -28.49
N ILE C 437 6.80 -4.07 -27.77
CA ILE C 437 7.21 -5.38 -27.25
C ILE C 437 7.37 -6.38 -28.40
N THR C 438 6.51 -6.30 -29.41
CA THR C 438 6.45 -7.36 -30.42
C THR C 438 7.75 -7.50 -31.18
N LEU C 439 8.36 -6.39 -31.58
CA LEU C 439 9.58 -6.44 -32.37
C LEU C 439 10.71 -7.09 -31.59
N ILE C 440 10.79 -6.82 -30.29
CA ILE C 440 11.92 -7.31 -29.50
C ILE C 440 11.64 -8.71 -28.94
N ILE C 441 10.38 -9.15 -28.97
CA ILE C 441 10.07 -10.52 -28.55
C ILE C 441 9.87 -11.46 -29.73
N ALA C 442 9.93 -10.96 -30.96
CA ALA C 442 9.78 -11.83 -32.12
C ALA C 442 10.96 -12.78 -32.28
N VAL C 443 12.07 -12.53 -31.58
CA VAL C 443 13.25 -13.38 -31.66
C VAL C 443 13.76 -13.79 -30.28
N ASP C 444 13.03 -13.47 -29.21
CA ASP C 444 13.52 -13.69 -27.86
C ASP C 444 13.64 -15.17 -27.49
N TRP C 445 13.09 -16.08 -28.29
CA TRP C 445 13.20 -17.50 -27.97
C TRP C 445 14.67 -17.96 -28.04
N PHE C 446 15.39 -17.51 -29.07
CA PHE C 446 16.80 -17.85 -29.21
C PHE C 446 17.67 -17.02 -28.28
N LEU C 447 17.28 -15.76 -28.06
CA LEU C 447 17.98 -14.92 -27.10
C LEU C 447 17.87 -15.48 -25.69
N ASP C 448 16.81 -16.22 -25.39
CA ASP C 448 16.67 -16.83 -24.07
C ASP C 448 17.66 -17.97 -23.89
N ARG C 449 17.87 -18.78 -24.93
CA ARG C 449 18.90 -19.81 -24.87
C ARG C 449 20.27 -19.20 -24.72
N LEU C 450 20.53 -18.12 -25.45
CA LEU C 450 21.81 -17.42 -25.28
C LEU C 450 21.95 -16.85 -23.87
N ARG C 451 20.87 -16.31 -23.32
CA ARG C 451 20.89 -15.77 -21.96
C ARG C 451 21.22 -16.86 -20.94
N THR C 452 20.58 -18.03 -21.06
CA THR C 452 20.81 -19.07 -20.07
C THR C 452 22.19 -19.69 -20.22
N THR C 453 22.70 -19.80 -21.45
CA THR C 453 24.05 -20.33 -21.60
C THR C 453 25.09 -19.33 -21.08
N THR C 454 24.88 -18.03 -21.30
CA THR C 454 25.79 -17.05 -20.72
C THR C 454 25.70 -17.08 -19.20
N ASN C 455 24.50 -17.28 -18.66
CA ASN C 455 24.34 -17.37 -17.21
C ASN C 455 25.08 -18.56 -16.64
N VAL C 456 25.00 -19.72 -17.30
CA VAL C 456 25.68 -20.89 -16.76
C VAL C 456 27.19 -20.76 -16.88
N LEU C 457 27.68 -20.19 -18.00
CA LEU C 457 29.11 -19.88 -18.09
C LEU C 457 29.55 -18.96 -16.96
N GLY C 458 28.82 -17.88 -16.72
CA GLY C 458 29.19 -16.94 -15.68
C GLY C 458 29.17 -17.57 -14.30
N ASP C 459 28.13 -18.35 -14.00
CA ASP C 459 28.03 -18.99 -12.70
C ASP C 459 29.15 -20.00 -12.48
N SER C 460 29.45 -20.82 -13.49
CA SER C 460 30.52 -21.81 -13.36
C SER C 460 31.87 -21.13 -13.19
N LEU C 461 32.13 -20.06 -13.95
CA LEU C 461 33.40 -19.37 -13.82
C LEU C 461 33.52 -18.65 -12.48
N GLY C 462 32.41 -18.12 -11.97
CA GLY C 462 32.43 -17.55 -10.63
C GLY C 462 32.70 -18.59 -9.56
N ALA C 463 32.10 -19.77 -9.71
CA ALA C 463 32.40 -20.87 -8.78
C ALA C 463 33.88 -21.24 -8.84
N GLY C 464 34.44 -21.30 -10.04
CA GLY C 464 35.86 -21.58 -10.16
C GLY C 464 36.74 -20.52 -9.53
N ILE C 465 36.40 -19.25 -9.75
CA ILE C 465 37.24 -18.17 -9.22
C ILE C 465 37.15 -18.10 -7.70
N VAL C 466 35.97 -18.39 -7.14
CA VAL C 466 35.88 -18.39 -5.67
C VAL C 466 36.51 -19.65 -5.10
N GLU C 467 36.56 -20.74 -5.86
CA GLU C 467 37.33 -21.90 -5.44
C GLU C 467 38.82 -21.58 -5.40
N HIS C 468 39.30 -20.82 -6.39
CA HIS C 468 40.71 -20.42 -6.40
C HIS C 468 41.04 -19.53 -5.20
N LEU C 469 40.15 -18.60 -4.87
CA LEU C 469 40.36 -17.72 -3.73
C LEU C 469 40.12 -18.46 -2.42
#